data_8ZD0
#
_entry.id   8ZD0
#
_cell.length_a   1.00
_cell.length_b   1.00
_cell.length_c   1.00
_cell.angle_alpha   90.00
_cell.angle_beta   90.00
_cell.angle_gamma   90.00
#
_symmetry.space_group_name_H-M   'P 1'
#
loop_
_entity.id
_entity.type
_entity.pdbx_description
1 polymer 'CRISPR-associated endonuclease Cas9'
2 polymer sgRNA
3 polymer 'Target DNA strand'
4 polymer 'Non-target DNA strand'
5 non-polymer 'MAGNESIUM ION'
#
loop_
_entity_poly.entity_id
_entity_poly.type
_entity_poly.pdbx_seq_one_letter_code
_entity_poly.pdbx_strand_id
1 'polypeptide(L)'
;GSHMKRNYILGLDIGITSVGYGIIDYETRDVIDAGVRLFKEANVENNEGRRSKRGARRLKRRRRHRIQRVKKLLFDYNLL
TDHSELSGINPYEARVKGLSQKLSEEEFSAALLHLAKRRGVHNVNEVEEDTGNELSTKEQISRNSKALEEKYVAELQLER
LKKDGEVRGSINRFKTSDYVKEAKQLLKVQKAYHQLDQSFIDTYIDLLETRRTYYEGPGEGSPFGWKDIKEWYEMLMGHC
TYFPEELRSVKYAYNADLYNALNDLNNLVITRDENEKLEYYEKFQIIENVFKQKKKPTLKQIAKEILVNEEDIKGYRVTS
TGKPEFTNLKVYHDIKDITARKEIIENAELLDQIAKILTIYQSSEDIQEELTNLNSELTQEEIEQISNLKGYTGTHNLSL
KAINLILDELWHTNDAQIAIFNALKLVPKKVDLSQQKEIPTTLVDDFILSPVVKRSFIQSIKVINAIIKKYGLPNDIIIE
LAREKNSKDAQKMINEMQKRNRQTNERIEEIIRTTGKENAKYLIEKIKLHDMQEGKCLYSLEAIPLEDLLNNPFNYEVDH
IIPRSVSFDNSFNNKVLVKQEENSKKGNRTPFQYLSSSDSKISYETFKKHILNLAKGKGRISKTKKEYLLEERDINRFSV
QKDFINRNLVDTRYATRGLMNLLRSYFRVNNLDVKVKSINGGFTSFLRRKWKFKKERNKGYKHHAEDALIIANADFIFKE
WKKLDKAKKVMENQMFEEKQAESMPEIETEQEYKEIFITPHQIKHIKDFKDYKYSHRVDKKPNRKLINDTLYSTRKDDKG
NTRIVNNLNGLYDKDNDKLKKLINKSPEKLLMYHHDPQTYQKLKLIMEQYGDEKNPLYKYYEETGNYLTKYSKKDNGPVI
KKIKYYGNKLNAHLDITDDYPNSRNKVVKLSLKPYRFDVYLDNGVYKFVKVNNLDVIKKENYYEVNSKCYEEAKKLKKIS
NQAEFIASFYRNDLIKINGELYRVIGVASDLLNAIEVNMIDITYREYLENMNDKRPPRIFKTISSKTQSIKKYSTDILGN
LYEVKSKKHPQIIKKG
;
A
2 'polyribonucleotide'
;GGGAAAUUAGGUGCGCUUGGCGUUUUAGUACUCUGGAAACAGAAUCUACUAAAACAAGGCAAAAUGCCGUGUUUAUCUCG
UCAACUUGUUGGCGAGAUA
;
B
3 'polydeoxyribonucleotide'
;(DA)(DT)(DT)(DT)(DG)(DA)(DA)(DT)(DA)(DG)(DG)(DC)(DA)(DA)(DG)(SC)(SC)(AS)(AS)(GS)
(SC)(GS)(DC)(DA)(DC)(DC)(DT)(DA)(DA)(DT)(DT)(DT)(DC)(DC)(DC)(DG)(DT)(DA)(DT)(DT)
(DT)(DA)(DG)
;
C
4 'polydeoxyribonucleotide'
;(DC)(DT)(DA)(DA)(DA)(DT)(DA)(DC)(DG)(DG)(DG)(DA)(DA)(DA)(DT)(DT)(DA)(DG)(DG)(DT)
(DG)(SC)(GS)(SC)(PST)(PST)(GS)(GS)(DC)(DT)(DT)(DG)(DC)(DC)(DT)(DA)(DT)(DT)(DC)
(DA)(DA)(DA)(DT)
;
D
#
# COMPACT_ATOMS: atom_id res chain seq x y z
N MET A 4 17.21 -12.24 38.37
CA MET A 4 17.88 -12.71 39.63
C MET A 4 19.13 -13.53 39.28
N LYS A 5 19.95 -13.77 40.32
CA LYS A 5 21.20 -14.52 40.27
C LYS A 5 21.15 -15.72 39.31
N ARG A 6 20.08 -16.54 39.38
CA ARG A 6 19.99 -17.78 38.61
CA ARG A 6 19.99 -17.78 38.61
C ARG A 6 20.16 -17.50 37.12
N ASN A 7 20.87 -18.41 36.42
CA ASN A 7 21.21 -18.25 35.02
C ASN A 7 20.21 -19.06 34.20
N TYR A 8 19.93 -18.61 32.97
CA TYR A 8 18.82 -19.16 32.20
C TYR A 8 19.09 -19.10 30.70
N ILE A 9 18.22 -19.79 29.93
CA ILE A 9 18.17 -19.70 28.48
C ILE A 9 16.88 -18.97 28.09
N LEU A 10 16.87 -18.28 26.95
CA LEU A 10 15.68 -17.64 26.42
C LEU A 10 15.31 -18.23 25.04
N GLY A 11 14.26 -19.05 24.98
CA GLY A 11 13.66 -19.44 23.70
C GLY A 11 12.87 -18.28 23.09
N LEU A 12 12.77 -18.24 21.75
CA LEU A 12 11.82 -17.36 21.08
C LEU A 12 11.20 -18.08 19.87
N ASP A 13 9.86 -18.07 19.78
CA ASP A 13 9.15 -18.52 18.59
C ASP A 13 8.54 -17.31 17.91
N ILE A 14 9.29 -16.68 17.01
CA ILE A 14 8.81 -15.49 16.34
C ILE A 14 7.83 -15.95 15.28
N GLY A 15 6.71 -15.22 15.17
CA GLY A 15 5.61 -15.58 14.29
C GLY A 15 5.04 -14.35 13.62
N ILE A 16 3.97 -14.57 12.85
CA ILE A 16 3.39 -13.54 12.01
C ILE A 16 2.52 -12.62 12.88
N THR A 17 1.79 -13.21 13.85
CA THR A 17 0.93 -12.49 14.77
C THR A 17 1.45 -12.53 16.21
N SER A 18 2.50 -13.32 16.49
CA SER A 18 2.87 -13.66 17.85
C SER A 18 4.39 -13.72 18.00
N VAL A 19 4.86 -13.44 19.22
CA VAL A 19 6.21 -13.75 19.66
C VAL A 19 6.03 -14.57 20.92
N GLY A 20 6.33 -15.87 20.83
CA GLY A 20 6.36 -16.71 22.00
C GLY A 20 7.68 -16.48 22.73
N TYR A 21 7.70 -16.68 24.06
CA TYR A 21 8.95 -16.66 24.80
C TYR A 21 8.91 -17.73 25.87
N GLY A 22 10.09 -18.27 26.17
CA GLY A 22 10.25 -19.32 27.16
C GLY A 22 11.57 -19.06 27.88
N ILE A 23 11.61 -19.36 29.19
CA ILE A 23 12.74 -19.04 30.02
C ILE A 23 12.98 -20.25 30.90
N ILE A 24 14.23 -20.72 30.95
CA ILE A 24 14.54 -22.04 31.50
C ILE A 24 15.85 -21.99 32.28
N ASP A 25 15.88 -22.65 33.45
CA ASP A 25 17.05 -22.67 34.32
C ASP A 25 18.21 -23.35 33.60
N TYR A 26 19.38 -22.70 33.59
CA TYR A 26 20.50 -23.14 32.78
C TYR A 26 21.11 -24.45 33.30
N GLU A 27 20.96 -24.73 34.61
CA GLU A 27 21.50 -25.95 35.21
C GLU A 27 20.51 -27.12 35.06
N THR A 28 19.29 -26.94 35.59
CA THR A 28 18.36 -28.04 35.82
C THR A 28 17.46 -28.26 34.59
N ARG A 29 17.20 -27.18 33.84
CA ARG A 29 16.27 -27.17 32.72
C ARG A 29 14.83 -27.37 33.22
N ASP A 30 14.50 -26.72 34.35
CA ASP A 30 13.12 -26.56 34.78
C ASP A 30 12.59 -25.25 34.21
N VAL A 31 11.27 -25.24 33.90
CA VAL A 31 10.62 -24.04 33.38
C VAL A 31 10.65 -22.99 34.48
N ILE A 32 11.06 -21.78 34.13
CA ILE A 32 10.94 -20.63 35.00
C ILE A 32 9.65 -19.89 34.66
N ASP A 33 9.47 -19.57 33.37
CA ASP A 33 8.43 -18.67 32.92
C ASP A 33 8.15 -19.00 31.46
N ALA A 34 7.05 -18.48 30.88
CA ALA A 34 6.69 -18.72 29.50
C ALA A 34 5.43 -17.93 29.17
N GLY A 35 5.34 -17.37 27.96
CA GLY A 35 4.22 -16.49 27.64
C GLY A 35 4.16 -16.16 26.14
N VAL A 36 3.22 -15.31 25.75
CA VAL A 36 2.97 -15.03 24.35
C VAL A 36 2.59 -13.56 24.24
N ARG A 37 3.04 -12.91 23.18
CA ARG A 37 2.73 -11.52 22.92
C ARG A 37 2.04 -11.44 21.58
N LEU A 38 0.74 -11.11 21.59
CA LEU A 38 -0.12 -11.25 20.41
C LEU A 38 -0.39 -9.89 19.80
N PHE A 39 -0.37 -9.81 18.47
CA PHE A 39 -0.60 -8.55 17.79
C PHE A 39 -1.32 -8.83 16.47
N LYS A 40 -1.81 -7.74 15.86
CA LYS A 40 -2.49 -7.80 14.58
C LYS A 40 -1.42 -7.94 13.51
N GLU A 41 -1.60 -8.86 12.56
CA GLU A 41 -0.67 -9.04 11.45
C GLU A 41 -0.58 -7.73 10.66
N ALA A 42 0.65 -7.30 10.37
CA ALA A 42 0.90 -6.05 9.67
C ALA A 42 0.74 -6.29 8.17
N ASN A 43 -0.49 -6.08 7.66
CA ASN A 43 -0.84 -6.41 6.29
C ASN A 43 -0.43 -5.26 5.37
N VAL A 44 0.15 -5.60 4.21
CA VAL A 44 0.55 -4.60 3.24
C VAL A 44 -0.70 -3.89 2.67
N GLU A 45 -1.82 -4.63 2.60
CA GLU A 45 -3.11 -4.08 2.20
C GLU A 45 -3.38 -2.75 2.92
N ASN A 46 -3.01 -2.65 4.21
CA ASN A 46 -3.40 -1.51 5.03
C ASN A 46 -2.81 -0.20 4.48
N ASN A 47 -1.49 -0.15 4.31
CA ASN A 47 -0.82 1.05 3.82
C ASN A 47 -1.12 1.23 2.34
N GLU A 48 -1.17 0.13 1.57
CA GLU A 48 -1.61 0.21 0.18
C GLU A 48 -2.94 0.95 0.14
N GLY A 49 -3.87 0.63 1.05
CA GLY A 49 -5.11 1.37 1.15
C GLY A 49 -4.87 2.86 1.36
N ARG A 50 -4.09 3.21 2.38
CA ARG A 50 -3.87 4.60 2.76
C ARG A 50 -3.29 5.38 1.58
N ARG A 51 -2.33 4.78 0.86
CA ARG A 51 -1.69 5.44 -0.26
C ARG A 51 -2.71 5.60 -1.39
N SER A 52 -3.38 4.51 -1.75
CA SER A 52 -4.32 4.51 -2.86
C SER A 52 -5.38 5.60 -2.68
N LYS A 53 -5.91 5.73 -1.46
CA LYS A 53 -6.91 6.73 -1.16
C LYS A 53 -6.31 8.14 -1.20
N ARG A 54 -5.04 8.30 -0.80
CA ARG A 54 -4.38 9.60 -0.90
C ARG A 54 -4.25 9.98 -2.37
N GLY A 55 -3.95 9.00 -3.23
CA GLY A 55 -3.93 9.24 -4.66
C GLY A 55 -5.28 9.69 -5.19
N ALA A 56 -6.33 9.01 -4.75
CA ALA A 56 -7.66 9.27 -5.26
C ALA A 56 -8.11 10.67 -4.87
N ARG A 57 -7.78 11.06 -3.63
CA ARG A 57 -8.16 12.37 -3.12
C ARG A 57 -7.50 13.48 -3.93
N ARG A 58 -6.26 13.28 -4.39
CA ARG A 58 -5.57 14.29 -5.20
C ARG A 58 -6.16 14.38 -6.62
N LEU A 59 -6.46 13.23 -7.25
CA LEU A 59 -7.12 13.20 -8.56
C LEU A 59 -8.42 14.00 -8.54
N LYS A 60 -9.21 13.86 -7.47
CA LYS A 60 -10.51 14.50 -7.41
C LYS A 60 -10.38 15.99 -7.10
N ARG A 61 -9.38 16.34 -6.27
CA ARG A 61 -9.03 17.72 -5.98
C ARG A 61 -8.59 18.43 -7.26
N ARG A 62 -7.82 17.73 -8.09
CA ARG A 62 -7.21 18.36 -9.24
C ARG A 62 -8.25 18.56 -10.35
N ARG A 63 -9.17 17.61 -10.52
CA ARG A 63 -10.29 17.81 -11.43
C ARG A 63 -11.09 19.04 -11.01
N ARG A 64 -11.42 19.13 -9.71
CA ARG A 64 -12.24 20.22 -9.23
C ARG A 64 -11.53 21.53 -9.51
N HIS A 65 -10.21 21.57 -9.35
CA HIS A 65 -9.46 22.82 -9.42
C HIS A 65 -9.27 23.24 -10.87
N ARG A 66 -9.20 22.27 -11.78
CA ARG A 66 -9.14 22.52 -13.22
C ARG A 66 -10.45 23.09 -13.71
N ILE A 67 -11.60 22.57 -13.22
CA ILE A 67 -12.90 23.09 -13.60
C ILE A 67 -12.97 24.55 -13.13
N GLN A 68 -12.44 24.83 -11.94
CA GLN A 68 -12.53 26.19 -11.39
C GLN A 68 -11.57 27.15 -12.09
N ARG A 69 -10.46 26.66 -12.67
CA ARG A 69 -9.52 27.49 -13.41
CA ARG A 69 -9.52 27.49 -13.41
C ARG A 69 -10.17 27.88 -14.74
N VAL A 70 -10.89 26.94 -15.37
CA VAL A 70 -11.62 27.22 -16.59
C VAL A 70 -12.67 28.31 -16.31
N LYS A 71 -13.55 28.08 -15.31
CA LYS A 71 -14.56 29.08 -14.98
C LYS A 71 -13.92 30.47 -14.87
N LYS A 72 -12.80 30.63 -14.17
CA LYS A 72 -12.25 31.96 -13.95
C LYS A 72 -11.86 32.60 -15.29
N LEU A 73 -11.38 31.79 -16.23
CA LEU A 73 -11.00 32.28 -17.56
C LEU A 73 -12.25 32.74 -18.32
N LEU A 74 -13.38 32.08 -18.09
CA LEU A 74 -14.63 32.43 -18.75
C LEU A 74 -15.23 33.69 -18.11
N PHE A 75 -15.04 33.89 -16.81
CA PHE A 75 -15.43 35.12 -16.15
C PHE A 75 -14.59 36.28 -16.70
N ASP A 76 -13.29 36.07 -16.89
CA ASP A 76 -12.37 37.12 -17.29
C ASP A 76 -12.68 37.64 -18.70
N TYR A 77 -13.02 36.72 -19.62
CA TYR A 77 -13.35 37.06 -21.00
C TYR A 77 -14.86 37.26 -21.12
N ASN A 78 -15.55 37.31 -19.97
CA ASN A 78 -16.91 37.80 -19.86
C ASN A 78 -17.81 36.90 -20.72
N LEU A 79 -17.63 35.58 -20.58
CA LEU A 79 -18.47 34.56 -21.19
C LEU A 79 -19.34 33.90 -20.13
N LEU A 80 -19.01 34.07 -18.85
CA LEU A 80 -19.78 33.47 -17.77
C LEU A 80 -19.96 34.49 -16.67
N THR A 81 -21.13 34.42 -15.99
CA THR A 81 -21.49 35.36 -14.94
C THR A 81 -22.00 34.56 -13.75
N ASP A 82 -22.34 35.25 -12.65
CA ASP A 82 -23.01 34.65 -11.51
C ASP A 82 -24.43 34.19 -11.90
N HIS A 83 -25.08 34.92 -12.81
CA HIS A 83 -26.48 34.71 -13.15
C HIS A 83 -26.60 34.23 -14.60
N SER A 84 -25.91 33.13 -14.94
CA SER A 84 -26.01 32.51 -16.25
C SER A 84 -26.59 31.11 -16.12
N GLU A 85 -27.54 30.79 -17.02
CA GLU A 85 -28.26 29.52 -17.01
C GLU A 85 -27.48 28.52 -17.87
N LEU A 86 -26.85 27.53 -17.23
CA LEU A 86 -26.13 26.48 -17.93
C LEU A 86 -26.85 25.14 -17.81
N SER A 87 -28.09 25.16 -17.32
CA SER A 87 -28.68 24.00 -16.68
C SER A 87 -29.14 22.97 -17.71
N GLY A 88 -29.92 23.39 -18.71
CA GLY A 88 -30.50 22.46 -19.66
C GLY A 88 -29.83 22.54 -21.03
N ILE A 89 -28.49 22.42 -21.04
CA ILE A 89 -27.71 22.57 -22.26
C ILE A 89 -26.92 21.29 -22.46
N ASN A 90 -27.34 20.48 -23.44
CA ASN A 90 -26.72 19.19 -23.69
C ASN A 90 -25.35 19.44 -24.33
N PRO A 91 -24.22 19.18 -23.62
CA PRO A 91 -22.93 19.58 -24.14
C PRO A 91 -22.47 18.77 -25.36
N TYR A 92 -22.97 17.55 -25.53
CA TYR A 92 -22.64 16.76 -26.71
C TYR A 92 -23.26 17.41 -27.94
N GLU A 93 -24.45 18.01 -27.79
CA GLU A 93 -25.07 18.72 -28.90
C GLU A 93 -24.25 19.98 -29.16
N ALA A 94 -23.90 20.71 -28.10
CA ALA A 94 -23.16 21.95 -28.20
C ALA A 94 -21.74 21.74 -28.74
N ARG A 95 -21.11 20.59 -28.43
CA ARG A 95 -19.79 20.30 -28.95
C ARG A 95 -19.93 20.10 -30.46
N VAL A 96 -20.85 19.23 -30.88
CA VAL A 96 -21.00 18.91 -32.29
C VAL A 96 -21.49 20.12 -33.08
N LYS A 97 -22.34 20.97 -32.49
CA LYS A 97 -22.82 22.17 -33.15
C LYS A 97 -21.67 23.16 -33.37
N GLY A 98 -20.84 23.36 -32.34
CA GLY A 98 -19.86 24.43 -32.34
C GLY A 98 -18.63 24.14 -33.22
N LEU A 99 -18.55 22.95 -33.83
CA LEU A 99 -17.54 22.64 -34.83
C LEU A 99 -17.96 23.14 -36.22
N SER A 100 -19.06 23.90 -36.32
CA SER A 100 -19.48 24.50 -37.59
C SER A 100 -20.15 25.87 -37.40
N GLN A 101 -21.10 25.97 -36.44
CA GLN A 101 -21.96 27.15 -36.31
C GLN A 101 -21.62 27.90 -35.02
N LYS A 102 -22.19 29.11 -34.88
CA LYS A 102 -22.01 29.93 -33.68
C LYS A 102 -22.78 29.36 -32.49
N LEU A 103 -22.09 29.17 -31.37
CA LEU A 103 -22.71 28.86 -30.08
C LEU A 103 -23.11 30.16 -29.36
N SER A 104 -24.12 30.08 -28.51
CA SER A 104 -24.38 31.11 -27.51
C SER A 104 -23.29 31.09 -26.46
N GLU A 105 -23.06 32.22 -25.77
CA GLU A 105 -22.11 32.28 -24.67
C GLU A 105 -22.35 31.14 -23.69
N GLU A 106 -23.62 30.76 -23.44
CA GLU A 106 -23.95 29.74 -22.45
C GLU A 106 -23.57 28.37 -23.01
N GLU A 107 -23.96 28.06 -24.27
CA GLU A 107 -23.62 26.80 -24.90
C GLU A 107 -22.11 26.65 -24.97
N PHE A 108 -21.43 27.76 -25.30
CA PHE A 108 -19.98 27.78 -25.43
C PHE A 108 -19.35 27.46 -24.07
N SER A 109 -19.85 28.11 -23.01
CA SER A 109 -19.34 27.84 -21.67
C SER A 109 -19.63 26.41 -21.25
N ALA A 110 -20.86 25.92 -21.48
CA ALA A 110 -21.23 24.52 -21.23
C ALA A 110 -20.22 23.56 -21.85
N ALA A 111 -19.91 23.77 -23.15
CA ALA A 111 -19.03 22.89 -23.92
C ALA A 111 -17.61 22.89 -23.35
N LEU A 112 -17.02 24.08 -23.13
CA LEU A 112 -15.64 24.14 -22.67
C LEU A 112 -15.52 23.46 -21.31
N LEU A 113 -16.53 23.67 -20.46
CA LEU A 113 -16.54 23.07 -19.13
C LEU A 113 -16.68 21.56 -19.22
N HIS A 114 -17.46 21.06 -20.20
CA HIS A 114 -17.64 19.62 -20.34
C HIS A 114 -16.33 18.96 -20.77
N LEU A 115 -15.61 19.58 -21.73
CA LEU A 115 -14.29 19.10 -22.14
C LEU A 115 -13.31 19.03 -20.97
N ALA A 116 -13.14 20.11 -20.22
CA ALA A 116 -12.15 20.13 -19.15
C ALA A 116 -12.47 19.11 -18.06
N LYS A 117 -13.75 18.79 -17.85
CA LYS A 117 -14.11 17.83 -16.81
C LYS A 117 -13.51 16.47 -17.14
N ARG A 118 -13.50 16.08 -18.42
CA ARG A 118 -13.27 14.70 -18.82
C ARG A 118 -12.46 14.73 -20.10
N ARG A 119 -11.16 14.48 -19.97
CA ARG A 119 -10.19 14.88 -20.99
C ARG A 119 -9.16 13.79 -21.31
N GLY A 120 -9.47 12.53 -21.03
CA GLY A 120 -8.76 11.43 -21.65
C GLY A 120 -7.41 11.13 -21.03
N VAL A 121 -6.78 10.05 -21.56
CA VAL A 121 -5.47 9.57 -21.14
C VAL A 121 -4.42 10.24 -22.00
N HIS A 122 -3.17 10.27 -21.52
CA HIS A 122 -2.06 10.88 -22.23
C HIS A 122 -0.88 9.91 -22.42
N ASN A 123 -0.96 8.70 -21.88
CA ASN A 123 0.20 7.84 -21.75
C ASN A 123 -0.12 6.42 -22.24
N VAL A 124 -0.96 6.32 -23.28
CA VAL A 124 -1.39 5.03 -23.79
C VAL A 124 -1.15 5.00 -25.30
N ASN A 125 -0.33 4.04 -25.73
CA ASN A 125 0.03 3.84 -27.13
C ASN A 125 -0.76 2.65 -27.68
N GLU A 126 -0.97 2.66 -29.01
CA GLU A 126 -1.78 1.66 -29.71
C GLU A 126 -1.21 0.26 -29.49
N VAL A 127 -2.11 -0.71 -29.24
CA VAL A 127 -1.76 -2.13 -29.21
C VAL A 127 -2.12 -2.76 -30.56
N GLU A 128 -3.20 -2.28 -31.19
CA GLU A 128 -3.66 -2.70 -32.52
C GLU A 128 -4.03 -4.20 -32.47
N GLU A 129 -4.77 -4.58 -31.43
CA GLU A 129 -5.19 -5.95 -31.18
C GLU A 129 -6.55 -5.90 -30.48
N ASP A 130 -7.39 -6.91 -30.74
CA ASP A 130 -8.74 -6.97 -30.18
C ASP A 130 -9.07 -8.41 -29.81
N THR A 131 -9.08 -8.71 -28.50
CA THR A 131 -9.49 -10.01 -27.98
C THR A 131 -10.75 -9.83 -27.12
N GLY A 132 -11.66 -8.95 -27.58
CA GLY A 132 -12.92 -8.65 -26.94
C GLY A 132 -12.81 -8.52 -25.41
N ASN A 133 -11.83 -7.73 -24.94
CA ASN A 133 -11.65 -7.44 -23.53
C ASN A 133 -12.24 -6.06 -23.25
N GLU A 134 -13.31 -6.03 -22.43
CA GLU A 134 -14.01 -4.81 -22.11
C GLU A 134 -13.13 -3.92 -21.23
N LEU A 135 -12.47 -4.53 -20.22
CA LEU A 135 -11.82 -3.77 -19.16
C LEU A 135 -10.46 -3.22 -19.60
N SER A 136 -9.86 -3.78 -20.67
CA SER A 136 -8.58 -3.28 -21.19
C SER A 136 -8.74 -1.85 -21.74
N THR A 137 -8.01 -0.91 -21.13
CA THR A 137 -7.87 0.45 -21.62
C THR A 137 -7.18 0.46 -22.98
N LYS A 138 -6.09 -0.31 -23.13
CA LYS A 138 -5.32 -0.31 -24.37
C LYS A 138 -6.19 -0.77 -25.53
N GLU A 139 -6.95 -1.86 -25.32
CA GLU A 139 -7.80 -2.41 -26.37
C GLU A 139 -8.95 -1.46 -26.68
N GLN A 140 -9.43 -0.71 -25.68
CA GLN A 140 -10.55 0.19 -25.88
C GLN A 140 -10.09 1.45 -26.62
N ILE A 141 -9.00 2.06 -26.13
CA ILE A 141 -8.34 3.23 -26.73
C ILE A 141 -8.11 2.98 -28.22
N SER A 142 -7.73 1.73 -28.57
CA SER A 142 -7.45 1.36 -29.94
C SER A 142 -8.74 1.24 -30.75
N ARG A 143 -9.73 0.50 -30.23
CA ARG A 143 -11.04 0.36 -30.87
C ARG A 143 -11.64 1.73 -31.16
N ASN A 144 -11.47 2.69 -30.24
CA ASN A 144 -11.97 4.05 -30.41
C ASN A 144 -11.15 4.81 -31.44
N SER A 145 -9.82 4.62 -31.46
CA SER A 145 -8.96 5.30 -32.43
C SER A 145 -9.42 4.98 -33.86
N LYS A 146 -9.79 3.72 -34.12
CA LYS A 146 -10.36 3.30 -35.40
C LYS A 146 -11.67 4.02 -35.68
N ALA A 147 -12.53 4.18 -34.66
CA ALA A 147 -13.83 4.83 -34.83
C ALA A 147 -13.68 6.30 -35.21
N LEU A 148 -12.57 6.93 -34.82
CA LEU A 148 -12.36 8.37 -35.00
C LEU A 148 -11.48 8.68 -36.20
N GLU A 149 -11.36 7.77 -37.18
CA GLU A 149 -10.52 8.06 -38.34
C GLU A 149 -11.04 9.30 -39.08
N GLU A 150 -12.36 9.45 -39.19
CA GLU A 150 -12.96 10.50 -40.00
C GLU A 150 -13.71 11.54 -39.17
N LYS A 151 -13.86 11.34 -37.85
CA LYS A 151 -14.74 12.18 -37.04
C LYS A 151 -14.09 12.55 -35.70
N TYR A 152 -14.69 13.54 -35.02
CA TYR A 152 -14.28 14.02 -33.71
C TYR A 152 -14.91 13.17 -32.59
N VAL A 153 -14.38 13.32 -31.37
CA VAL A 153 -14.86 12.55 -30.24
C VAL A 153 -16.33 12.90 -29.98
N ALA A 154 -16.70 14.18 -30.06
CA ALA A 154 -18.07 14.58 -29.79
C ALA A 154 -19.02 14.06 -30.85
N GLU A 155 -18.53 13.89 -32.09
CA GLU A 155 -19.34 13.32 -33.16
C GLU A 155 -19.64 11.86 -32.81
N LEU A 156 -18.60 11.11 -32.47
CA LEU A 156 -18.77 9.72 -32.12
C LEU A 156 -19.64 9.60 -30.86
N GLN A 157 -19.48 10.52 -29.90
CA GLN A 157 -20.21 10.44 -28.64
C GLN A 157 -21.69 10.72 -28.86
N LEU A 158 -22.04 11.75 -29.64
CA LEU A 158 -23.43 12.03 -29.99
C LEU A 158 -24.06 10.88 -30.81
N GLU A 159 -23.29 10.18 -31.64
CA GLU A 159 -23.81 9.04 -32.41
C GLU A 159 -24.28 7.92 -31.49
N ARG A 160 -23.52 7.63 -30.43
CA ARG A 160 -23.86 6.55 -29.51
C ARG A 160 -25.05 6.96 -28.65
N LEU A 161 -25.12 8.24 -28.26
CA LEU A 161 -26.22 8.77 -27.47
C LEU A 161 -27.54 8.50 -28.19
N LYS A 162 -27.54 8.61 -29.53
CA LYS A 162 -28.73 8.49 -30.34
C LYS A 162 -28.99 7.03 -30.71
N LYS A 163 -27.96 6.26 -31.09
CA LYS A 163 -28.16 4.87 -31.45
C LYS A 163 -28.40 4.03 -30.19
N ASP A 164 -27.40 3.99 -29.30
CA ASP A 164 -27.37 3.06 -28.18
C ASP A 164 -28.05 3.66 -26.95
N GLY A 165 -28.45 4.93 -27.01
CA GLY A 165 -29.21 5.55 -25.94
C GLY A 165 -28.35 6.07 -24.78
N GLU A 166 -27.01 5.88 -24.84
CA GLU A 166 -26.12 6.17 -23.73
C GLU A 166 -24.70 6.42 -24.22
N VAL A 167 -23.90 7.10 -23.38
CA VAL A 167 -22.54 7.53 -23.71
C VAL A 167 -21.56 7.04 -22.65
N ARG A 168 -21.85 7.27 -21.38
CA ARG A 168 -20.89 7.04 -20.32
C ARG A 168 -20.62 5.53 -20.19
N GLY A 169 -19.47 5.15 -19.60
CA GLY A 169 -19.13 3.76 -19.34
C GLY A 169 -17.68 3.41 -19.73
N SER A 170 -17.44 2.10 -19.90
CA SER A 170 -16.14 1.55 -20.29
C SER A 170 -15.71 2.00 -21.69
N ILE A 171 -16.66 2.13 -22.62
CA ILE A 171 -16.35 2.50 -24.00
C ILE A 171 -16.05 4.00 -24.08
N ASN A 172 -16.02 4.72 -22.96
CA ASN A 172 -15.89 6.16 -23.04
C ASN A 172 -14.44 6.57 -22.81
N ARG A 173 -13.49 5.81 -23.36
CA ARG A 173 -12.07 5.97 -23.05
C ARG A 173 -11.33 6.42 -24.29
N PHE A 174 -10.92 7.70 -24.27
CA PHE A 174 -10.29 8.38 -25.39
C PHE A 174 -8.97 9.03 -24.99
N LYS A 175 -8.14 9.32 -25.99
CA LYS A 175 -6.85 9.97 -25.79
C LYS A 175 -7.04 11.47 -25.65
N THR A 176 -6.25 12.12 -24.79
CA THR A 176 -6.32 13.56 -24.61
C THR A 176 -6.08 14.26 -25.94
N SER A 177 -5.25 13.69 -26.81
CA SER A 177 -4.93 14.31 -28.09
C SER A 177 -6.17 14.33 -28.99
N ASP A 178 -7.02 13.30 -28.89
CA ASP A 178 -8.29 13.30 -29.60
C ASP A 178 -9.19 14.43 -29.10
N TYR A 179 -9.17 14.72 -27.80
CA TYR A 179 -9.94 15.82 -27.24
C TYR A 179 -9.39 17.19 -27.61
N VAL A 180 -8.06 17.33 -27.68
CA VAL A 180 -7.42 18.60 -28.01
C VAL A 180 -7.70 18.95 -29.48
N LYS A 181 -7.75 17.92 -30.36
CA LYS A 181 -8.07 18.12 -31.76
CA LYS A 181 -8.08 18.11 -31.76
C LYS A 181 -9.45 18.76 -31.86
N GLU A 182 -10.39 18.32 -31.01
CA GLU A 182 -11.75 18.87 -31.00
C GLU A 182 -11.73 20.32 -30.49
N ALA A 183 -11.10 20.56 -29.34
CA ALA A 183 -11.08 21.88 -28.70
C ALA A 183 -10.47 22.94 -29.62
N LYS A 184 -9.41 22.56 -30.35
CA LYS A 184 -8.74 23.48 -31.26
C LYS A 184 -9.70 23.90 -32.37
N GLN A 185 -10.43 22.93 -32.94
CA GLN A 185 -11.47 23.20 -33.93
C GLN A 185 -12.61 24.05 -33.34
N LEU A 186 -13.14 23.66 -32.17
CA LEU A 186 -14.21 24.42 -31.55
C LEU A 186 -13.77 25.89 -31.43
N LEU A 187 -12.53 26.13 -30.97
CA LEU A 187 -12.04 27.48 -30.69
C LEU A 187 -11.69 28.20 -31.99
N LYS A 188 -11.40 27.43 -33.06
CA LYS A 188 -11.15 28.01 -34.38
C LYS A 188 -12.43 28.62 -34.95
N VAL A 189 -13.53 27.88 -34.88
CA VAL A 189 -14.83 28.35 -35.34
C VAL A 189 -15.28 29.52 -34.48
N GLN A 190 -15.21 29.37 -33.14
CA GLN A 190 -15.92 30.27 -32.23
C GLN A 190 -15.18 31.61 -32.09
N LYS A 191 -13.85 31.60 -32.30
CA LYS A 191 -13.01 32.79 -32.27
C LYS A 191 -13.62 33.93 -33.10
N ALA A 192 -14.25 33.60 -34.24
CA ALA A 192 -14.88 34.60 -35.09
C ALA A 192 -15.96 35.37 -34.32
N TYR A 193 -16.92 34.63 -33.74
CA TYR A 193 -18.18 35.21 -33.29
C TYR A 193 -18.11 35.72 -31.85
N HIS A 194 -17.29 35.08 -31.01
CA HIS A 194 -17.01 35.57 -29.66
C HIS A 194 -15.71 36.36 -29.69
N GLN A 195 -15.60 37.38 -28.83
CA GLN A 195 -14.35 38.12 -28.66
C GLN A 195 -13.41 37.27 -27.80
N LEU A 196 -12.53 36.50 -28.45
CA LEU A 196 -11.47 35.82 -27.72
C LEU A 196 -10.21 35.73 -28.58
N ASP A 197 -9.06 35.79 -27.91
CA ASP A 197 -7.76 36.07 -28.51
C ASP A 197 -6.86 34.86 -28.32
N GLN A 198 -5.64 34.89 -28.89
CA GLN A 198 -4.76 33.74 -28.86
C GLN A 198 -4.32 33.44 -27.42
N SER A 199 -4.30 34.46 -26.55
CA SER A 199 -4.01 34.25 -25.14
C SER A 199 -5.07 33.35 -24.50
N PHE A 200 -6.36 33.57 -24.82
CA PHE A 200 -7.45 32.73 -24.34
C PHE A 200 -7.21 31.29 -24.80
N ILE A 201 -6.89 31.12 -26.09
CA ILE A 201 -6.86 29.80 -26.69
C ILE A 201 -5.68 29.02 -26.11
N ASP A 202 -4.50 29.66 -26.06
CA ASP A 202 -3.31 29.07 -25.45
C ASP A 202 -3.60 28.68 -24.00
N THR A 203 -4.22 29.58 -23.23
CA THR A 203 -4.49 29.30 -21.81
C THR A 203 -5.41 28.08 -21.70
N TYR A 204 -6.51 28.06 -22.46
CA TYR A 204 -7.51 27.03 -22.31
C TYR A 204 -6.90 25.66 -22.65
N ILE A 205 -6.13 25.56 -23.74
CA ILE A 205 -5.61 24.25 -24.14
C ILE A 205 -4.61 23.75 -23.09
N ASP A 206 -3.83 24.67 -22.48
CA ASP A 206 -2.93 24.29 -21.41
C ASP A 206 -3.73 23.64 -20.27
N LEU A 207 -4.76 24.32 -19.76
CA LEU A 207 -5.60 23.75 -18.71
C LEU A 207 -6.03 22.34 -19.11
N LEU A 208 -6.48 22.20 -20.35
CA LEU A 208 -7.12 20.98 -20.80
C LEU A 208 -6.10 19.85 -20.86
N GLU A 209 -4.93 20.09 -21.46
CA GLU A 209 -4.00 19.00 -21.72
C GLU A 209 -3.07 18.75 -20.53
N THR A 210 -2.82 19.75 -19.67
CA THR A 210 -1.67 19.72 -18.77
C THR A 210 -1.93 18.84 -17.53
N ARG A 211 -0.86 18.19 -17.05
CA ARG A 211 -0.85 17.51 -15.77
C ARG A 211 0.57 17.38 -15.23
N ARG A 212 0.69 17.12 -13.93
CA ARG A 212 1.98 16.98 -13.29
C ARG A 212 2.64 15.68 -13.76
N THR A 213 3.98 15.59 -13.65
CA THR A 213 4.68 14.35 -13.96
C THR A 213 5.03 13.61 -12.65
N TYR A 214 5.43 12.33 -12.78
CA TYR A 214 5.86 11.51 -11.65
C TYR A 214 7.05 12.13 -10.92
N TYR A 215 7.91 12.89 -11.61
CA TYR A 215 9.09 13.47 -10.99
C TYR A 215 8.85 14.93 -10.58
N GLU A 216 7.64 15.47 -10.78
CA GLU A 216 7.25 16.71 -10.12
C GLU A 216 6.61 16.41 -8.77
N GLY A 217 5.65 15.47 -8.73
CA GLY A 217 4.93 15.20 -7.50
C GLY A 217 4.09 16.41 -7.03
N PRO A 218 3.61 16.42 -5.77
CA PRO A 218 2.72 17.44 -5.26
C PRO A 218 3.24 18.87 -5.22
N GLY A 219 2.32 19.83 -5.03
CA GLY A 219 2.64 21.23 -4.81
C GLY A 219 3.24 21.49 -3.43
N GLU A 220 3.33 22.78 -3.07
CA GLU A 220 4.30 23.31 -2.12
C GLU A 220 4.23 22.66 -0.74
N GLY A 221 3.04 22.66 -0.12
CA GLY A 221 2.95 22.35 1.30
C GLY A 221 3.40 20.92 1.64
N SER A 222 3.41 20.02 0.66
CA SER A 222 3.21 18.61 0.92
C SER A 222 4.34 18.07 1.79
N PRO A 223 4.04 17.31 2.86
CA PRO A 223 5.01 16.43 3.48
C PRO A 223 5.60 15.38 2.54
N PHE A 224 4.89 15.09 1.44
CA PHE A 224 5.32 14.06 0.50
C PHE A 224 6.07 14.67 -0.67
N GLY A 225 6.14 16.01 -0.76
CA GLY A 225 6.68 16.67 -1.93
C GLY A 225 8.21 16.78 -1.92
N TRP A 226 8.73 17.58 -2.87
CA TRP A 226 10.14 17.88 -3.04
C TRP A 226 10.33 19.11 -3.92
N LYS A 227 11.47 19.77 -3.76
CA LYS A 227 11.70 21.11 -4.29
C LYS A 227 12.03 21.07 -5.78
N ASP A 228 12.85 20.09 -6.21
CA ASP A 228 13.35 20.00 -7.58
C ASP A 228 13.90 18.59 -7.84
N ILE A 229 14.26 18.30 -9.11
CA ILE A 229 14.55 16.94 -9.55
C ILE A 229 15.73 16.37 -8.78
N LYS A 230 16.77 17.18 -8.53
CA LYS A 230 17.97 16.65 -7.89
C LYS A 230 17.66 16.27 -6.44
N GLU A 231 16.91 17.13 -5.72
CA GLU A 231 16.41 16.79 -4.39
C GLU A 231 15.64 15.47 -4.44
N TRP A 232 14.72 15.36 -5.42
CA TRP A 232 13.93 14.15 -5.62
C TRP A 232 14.82 12.91 -5.74
N TYR A 233 15.87 13.00 -6.58
CA TYR A 233 16.71 11.85 -6.88
C TYR A 233 17.66 11.54 -5.72
N GLU A 234 18.24 12.59 -5.12
CA GLU A 234 19.11 12.47 -3.95
C GLU A 234 18.39 11.74 -2.81
N MET A 235 17.13 12.12 -2.52
CA MET A 235 16.32 11.49 -1.49
C MET A 235 16.28 9.98 -1.71
N LEU A 236 16.06 9.57 -2.97
CA LEU A 236 15.76 8.19 -3.31
C LEU A 236 17.05 7.35 -3.25
N MET A 237 18.13 7.80 -3.89
CA MET A 237 19.23 6.89 -4.24
C MET A 237 20.06 6.52 -3.00
N GLY A 238 20.73 5.35 -3.08
CA GLY A 238 21.42 4.75 -1.95
C GLY A 238 22.81 5.36 -1.72
N HIS A 239 23.48 4.89 -0.65
CA HIS A 239 24.72 5.46 -0.17
C HIS A 239 25.86 4.47 -0.35
N CYS A 240 27.10 4.98 -0.43
CA CYS A 240 28.27 4.16 -0.69
C CYS A 240 28.60 3.27 0.51
N THR A 241 29.28 2.15 0.24
CA THR A 241 29.65 1.17 1.24
C THR A 241 30.83 1.70 2.07
N TYR A 242 31.90 2.15 1.39
CA TYR A 242 33.17 2.48 2.02
C TYR A 242 33.22 3.95 2.44
N PHE A 243 32.32 4.79 1.90
CA PHE A 243 32.27 6.20 2.26
C PHE A 243 30.81 6.61 2.49
N PRO A 244 30.17 6.22 3.63
CA PRO A 244 28.88 6.78 4.00
C PRO A 244 28.86 8.31 3.97
N GLU A 245 27.64 8.87 3.79
CA GLU A 245 27.42 10.29 3.52
C GLU A 245 28.03 10.67 2.16
N GLU A 246 28.07 9.71 1.23
CA GLU A 246 28.31 9.96 -0.18
C GLU A 246 27.36 9.06 -0.98
N LEU A 247 26.59 9.68 -1.90
CA LEU A 247 25.64 8.94 -2.73
C LEU A 247 26.43 8.11 -3.74
N ARG A 248 25.91 6.91 -4.03
CA ARG A 248 26.49 5.99 -5.01
C ARG A 248 26.70 6.68 -6.36
N SER A 249 27.54 6.06 -7.21
CA SER A 249 27.70 6.47 -8.59
C SER A 249 26.47 6.02 -9.36
N VAL A 250 26.17 6.70 -10.47
CA VAL A 250 25.18 6.21 -11.41
C VAL A 250 25.82 5.06 -12.18
N LYS A 251 25.00 4.04 -12.51
CA LYS A 251 25.48 2.77 -13.04
C LYS A 251 26.39 2.96 -14.26
N TYR A 252 25.99 3.86 -15.17
CA TYR A 252 26.68 4.05 -16.44
C TYR A 252 27.38 5.40 -16.43
N ALA A 253 28.33 5.55 -15.49
CA ALA A 253 29.36 6.58 -15.58
C ALA A 253 30.63 5.94 -16.12
N TYR A 254 31.44 6.73 -16.85
CA TYR A 254 32.58 6.19 -17.57
C TYR A 254 33.54 5.50 -16.60
N ASN A 255 33.86 6.15 -15.48
CA ASN A 255 34.77 5.58 -14.50
C ASN A 255 34.16 4.34 -13.84
N ALA A 256 32.82 4.28 -13.72
CA ALA A 256 32.15 3.14 -13.11
C ALA A 256 32.19 1.92 -14.03
N ASP A 257 31.98 2.12 -15.34
CA ASP A 257 32.06 1.02 -16.30
C ASP A 257 33.53 0.62 -16.50
N LEU A 258 34.45 1.60 -16.53
CA LEU A 258 35.87 1.31 -16.66
C LEU A 258 36.38 0.52 -15.45
N TYR A 259 35.88 0.84 -14.26
CA TYR A 259 36.15 0.05 -13.06
C TYR A 259 35.77 -1.42 -13.29
N ASN A 260 34.51 -1.66 -13.72
CA ASN A 260 33.99 -3.01 -13.92
C ASN A 260 34.74 -3.73 -15.05
N ALA A 261 35.24 -2.95 -16.03
CA ALA A 261 36.03 -3.48 -17.13
C ALA A 261 37.38 -4.02 -16.64
N LEU A 262 38.04 -3.29 -15.72
CA LEU A 262 39.35 -3.67 -15.22
C LEU A 262 39.25 -4.92 -14.36
N ASN A 263 38.20 -5.03 -13.52
CA ASN A 263 38.03 -6.18 -12.65
C ASN A 263 37.89 -7.47 -13.45
N ASP A 264 37.20 -7.41 -14.60
CA ASP A 264 37.13 -8.55 -15.51
C ASP A 264 38.53 -8.97 -15.96
N LEU A 265 39.33 -8.00 -16.44
CA LEU A 265 40.63 -8.29 -17.02
C LEU A 265 41.59 -8.81 -15.95
N ASN A 266 41.52 -8.24 -14.74
CA ASN A 266 42.35 -8.67 -13.62
C ASN A 266 42.04 -10.12 -13.23
N ASN A 267 40.78 -10.56 -13.39
CA ASN A 267 40.38 -11.92 -13.05
C ASN A 267 40.92 -12.93 -14.07
N LEU A 268 41.21 -12.51 -15.30
CA LEU A 268 41.67 -13.40 -16.35
C LEU A 268 42.99 -14.05 -15.94
N VAL A 269 43.12 -15.36 -16.23
CA VAL A 269 44.34 -16.13 -16.01
C VAL A 269 44.71 -16.79 -17.33
N ILE A 270 45.96 -16.58 -17.79
CA ILE A 270 46.41 -17.04 -19.10
C ILE A 270 47.60 -17.98 -18.89
N THR A 271 47.65 -19.07 -19.68
CA THR A 271 48.78 -19.99 -19.66
C THR A 271 49.83 -19.48 -20.66
N ARG A 272 50.78 -18.69 -20.14
CA ARG A 272 51.85 -18.09 -20.93
C ARG A 272 53.20 -18.44 -20.29
N ASP A 273 54.27 -18.27 -21.06
CA ASP A 273 55.64 -18.45 -20.58
C ASP A 273 55.96 -17.40 -19.52
N GLU A 274 55.54 -16.14 -19.78
CA GLU A 274 55.71 -15.04 -18.84
C GLU A 274 54.48 -15.00 -17.92
N ASN A 275 54.29 -13.88 -17.19
CA ASN A 275 53.35 -13.81 -16.06
C ASN A 275 51.95 -14.22 -16.50
N GLU A 276 51.25 -14.96 -15.61
CA GLU A 276 49.95 -15.54 -15.88
C GLU A 276 48.87 -14.45 -15.91
N LYS A 277 49.00 -13.43 -15.03
CA LYS A 277 48.10 -12.29 -14.98
C LYS A 277 48.60 -11.22 -15.95
N LEU A 278 47.69 -10.37 -16.42
CA LEU A 278 48.00 -9.34 -17.42
C LEU A 278 48.81 -8.23 -16.77
N GLU A 279 49.63 -7.55 -17.59
CA GLU A 279 50.48 -6.45 -17.18
C GLU A 279 49.81 -5.12 -17.55
N TYR A 280 50.25 -4.03 -16.92
CA TYR A 280 49.71 -2.69 -17.16
C TYR A 280 49.57 -2.44 -18.66
N TYR A 281 50.68 -2.54 -19.41
CA TYR A 281 50.71 -2.19 -20.82
C TYR A 281 49.69 -3.02 -21.60
N GLU A 282 49.58 -4.33 -21.27
CA GLU A 282 48.65 -5.23 -21.93
C GLU A 282 47.21 -4.77 -21.67
N LYS A 283 46.89 -4.48 -20.40
CA LYS A 283 45.55 -4.02 -20.03
C LYS A 283 45.22 -2.71 -20.73
N PHE A 284 46.20 -1.78 -20.77
CA PHE A 284 46.04 -0.49 -21.42
C PHE A 284 45.66 -0.69 -22.88
N GLN A 285 46.42 -1.52 -23.62
CA GLN A 285 46.21 -1.67 -25.05
C GLN A 285 44.91 -2.46 -25.32
N ILE A 286 44.55 -3.39 -24.43
CA ILE A 286 43.29 -4.13 -24.57
C ILE A 286 42.13 -3.14 -24.48
N ILE A 287 42.10 -2.30 -23.42
CA ILE A 287 41.02 -1.33 -23.24
C ILE A 287 40.94 -0.41 -24.46
N GLU A 288 42.08 0.14 -24.89
CA GLU A 288 42.14 1.15 -25.94
C GLU A 288 41.69 0.59 -27.30
N ASN A 289 42.01 -0.68 -27.59
CA ASN A 289 41.83 -1.25 -28.92
C ASN A 289 40.60 -2.16 -29.01
N VAL A 290 40.06 -2.63 -27.86
CA VAL A 290 38.95 -3.58 -27.87
C VAL A 290 37.71 -2.90 -27.25
N PHE A 291 37.84 -2.37 -26.03
CA PHE A 291 36.70 -1.88 -25.26
C PHE A 291 36.24 -0.52 -25.79
N LYS A 292 37.15 0.23 -26.43
CA LYS A 292 36.81 1.52 -27.01
C LYS A 292 36.44 1.41 -28.50
N GLN A 293 36.85 0.33 -29.17
CA GLN A 293 36.53 0.11 -30.57
C GLN A 293 35.23 -0.68 -30.72
N LYS A 294 35.15 -1.83 -30.01
CA LYS A 294 34.05 -2.78 -30.17
C LYS A 294 33.03 -2.57 -29.06
N LYS A 295 31.73 -2.52 -29.44
CA LYS A 295 30.64 -2.25 -28.50
C LYS A 295 30.55 -3.37 -27.46
N LYS A 296 30.60 -4.63 -27.92
CA LYS A 296 30.60 -5.80 -27.05
C LYS A 296 31.87 -6.61 -27.31
N PRO A 297 32.96 -6.41 -26.53
CA PRO A 297 34.13 -7.28 -26.59
C PRO A 297 33.83 -8.78 -26.54
N THR A 298 34.59 -9.55 -27.33
CA THR A 298 34.52 -11.01 -27.35
C THR A 298 35.92 -11.56 -27.08
N LEU A 299 35.98 -12.81 -26.61
CA LEU A 299 37.22 -13.43 -26.16
C LEU A 299 38.23 -13.50 -27.30
N LYS A 300 37.75 -13.74 -28.54
CA LYS A 300 38.58 -13.73 -29.73
C LYS A 300 39.34 -12.40 -29.87
N GLN A 301 38.62 -11.27 -29.70
CA GLN A 301 39.16 -9.94 -29.94
C GLN A 301 40.21 -9.60 -28.87
N ILE A 302 40.01 -10.08 -27.64
CA ILE A 302 40.99 -9.94 -26.56
C ILE A 302 42.18 -10.84 -26.85
N ALA A 303 41.92 -12.08 -27.31
CA ALA A 303 42.96 -13.06 -27.60
C ALA A 303 43.90 -12.57 -28.71
N LYS A 304 43.37 -11.85 -29.71
CA LYS A 304 44.17 -11.32 -30.81
C LYS A 304 45.12 -10.22 -30.32
N GLU A 305 44.64 -9.33 -29.43
CA GLU A 305 45.44 -8.22 -28.93
C GLU A 305 46.62 -8.75 -28.12
N ILE A 306 46.42 -9.83 -27.35
CA ILE A 306 47.49 -10.47 -26.59
C ILE A 306 48.39 -11.26 -27.56
N LEU A 307 47.79 -11.79 -28.64
CA LEU A 307 48.46 -12.63 -29.63
C LEU A 307 48.69 -14.02 -29.02
N VAL A 308 47.61 -14.59 -28.45
CA VAL A 308 47.62 -15.88 -27.76
C VAL A 308 46.29 -16.58 -28.07
N ASN A 309 46.29 -17.92 -28.04
CA ASN A 309 45.10 -18.72 -28.35
C ASN A 309 44.03 -18.53 -27.27
N GLU A 310 42.76 -18.74 -27.66
CA GLU A 310 41.60 -18.49 -26.81
C GLU A 310 41.60 -19.43 -25.60
N GLU A 311 41.94 -20.70 -25.81
CA GLU A 311 41.82 -21.76 -24.81
C GLU A 311 42.80 -21.51 -23.66
N ASP A 312 43.91 -20.80 -23.92
CA ASP A 312 44.86 -20.41 -22.90
C ASP A 312 44.21 -19.49 -21.85
N ILE A 313 43.30 -18.60 -22.30
CA ILE A 313 42.67 -17.63 -21.42
C ILE A 313 41.52 -18.33 -20.69
N LYS A 314 41.55 -18.27 -19.35
CA LYS A 314 40.51 -18.85 -18.50
C LYS A 314 40.21 -17.91 -17.33
N GLY A 315 39.01 -18.05 -16.74
CA GLY A 315 38.60 -17.27 -15.59
C GLY A 315 37.89 -15.99 -16.02
N TYR A 316 36.73 -16.16 -16.67
CA TYR A 316 35.92 -15.05 -17.19
C TYR A 316 34.46 -15.28 -16.81
N ARG A 317 33.69 -14.20 -16.76
CA ARG A 317 32.25 -14.27 -16.53
C ARG A 317 31.58 -14.92 -17.74
N VAL A 318 30.59 -15.79 -17.49
CA VAL A 318 29.96 -16.60 -18.52
C VAL A 318 28.46 -16.33 -18.49
N THR A 319 27.85 -16.18 -19.68
CA THR A 319 26.41 -16.03 -19.83
C THR A 319 25.76 -17.39 -19.55
N SER A 320 24.50 -17.38 -19.08
CA SER A 320 23.70 -18.57 -18.85
C SER A 320 23.77 -19.54 -20.04
N THR A 321 23.72 -18.99 -21.27
CA THR A 321 23.83 -19.79 -22.49
C THR A 321 25.18 -20.51 -22.53
N GLY A 322 26.27 -19.78 -22.26
CA GLY A 322 27.63 -20.33 -22.32
C GLY A 322 28.66 -19.38 -22.95
N LYS A 323 28.21 -18.27 -23.56
CA LYS A 323 29.09 -17.30 -24.18
C LYS A 323 29.96 -16.62 -23.12
N PRO A 324 31.27 -16.33 -23.36
CA PRO A 324 32.02 -15.40 -22.53
C PRO A 324 31.44 -13.98 -22.54
N GLU A 325 31.40 -13.34 -21.36
CA GLU A 325 30.81 -12.02 -21.18
C GLU A 325 31.89 -11.06 -20.69
N PHE A 326 31.94 -9.86 -21.30
CA PHE A 326 32.83 -8.79 -20.87
C PHE A 326 32.04 -7.49 -20.75
N THR A 327 32.52 -6.60 -19.86
CA THR A 327 31.86 -5.34 -19.56
C THR A 327 31.82 -4.48 -20.83
N ASN A 328 30.72 -3.74 -21.02
CA ASN A 328 30.55 -2.87 -22.17
C ASN A 328 30.58 -1.42 -21.70
N LEU A 329 31.49 -0.62 -22.26
CA LEU A 329 31.49 0.82 -22.00
C LEU A 329 30.27 1.38 -22.72
N LYS A 330 29.26 1.83 -21.96
CA LYS A 330 28.00 2.29 -22.55
C LYS A 330 28.19 3.70 -23.10
N VAL A 331 28.68 4.61 -22.25
CA VAL A 331 28.61 6.04 -22.51
C VAL A 331 29.61 6.34 -23.63
N TYR A 332 30.81 5.76 -23.52
CA TYR A 332 31.85 5.96 -24.53
C TYR A 332 31.25 5.72 -25.91
N HIS A 333 30.65 4.54 -26.13
CA HIS A 333 30.11 4.20 -27.44
C HIS A 333 28.94 5.11 -27.80
N ASP A 334 28.01 5.35 -26.85
CA ASP A 334 26.85 6.18 -27.08
C ASP A 334 27.24 7.55 -27.61
N ILE A 335 28.28 8.19 -27.01
CA ILE A 335 28.69 9.53 -27.42
C ILE A 335 29.54 9.43 -28.69
N LYS A 336 30.50 8.48 -28.73
CA LYS A 336 31.33 8.23 -29.90
C LYS A 336 30.46 8.13 -31.15
N ASP A 337 29.38 7.33 -31.08
CA ASP A 337 28.47 7.10 -32.19
C ASP A 337 27.85 8.42 -32.66
N ILE A 338 27.50 9.31 -31.72
CA ILE A 338 26.97 10.63 -32.05
C ILE A 338 28.08 11.46 -32.70
N THR A 339 29.22 11.58 -32.00
CA THR A 339 30.36 12.36 -32.47
C THR A 339 31.64 11.77 -31.88
N ALA A 340 32.63 11.51 -32.75
CA ALA A 340 33.91 10.90 -32.35
C ALA A 340 35.01 11.95 -32.36
N ARG A 341 34.86 12.99 -31.52
CA ARG A 341 35.88 14.01 -31.32
C ARG A 341 36.69 13.69 -30.06
N LYS A 342 38.02 13.62 -30.20
CA LYS A 342 38.91 13.16 -29.14
C LYS A 342 38.91 14.14 -27.96
N GLU A 343 38.59 15.42 -28.21
CA GLU A 343 38.39 16.39 -27.15
C GLU A 343 37.29 15.91 -26.20
N ILE A 344 36.18 15.36 -26.76
CA ILE A 344 35.03 14.94 -25.97
C ILE A 344 35.30 13.54 -25.41
N ILE A 345 35.39 12.51 -26.27
CA ILE A 345 35.25 11.12 -25.83
C ILE A 345 36.51 10.63 -25.10
N GLU A 346 37.62 11.38 -25.14
CA GLU A 346 38.77 11.09 -24.29
C GLU A 346 38.83 12.14 -23.17
N ASN A 347 37.72 12.28 -22.44
CA ASN A 347 37.63 13.13 -21.25
C ASN A 347 36.65 12.46 -20.27
N ALA A 348 37.19 11.74 -19.27
CA ALA A 348 36.38 10.94 -18.36
C ALA A 348 35.43 11.82 -17.55
N GLU A 349 35.93 12.95 -17.02
CA GLU A 349 35.16 13.81 -16.13
C GLU A 349 33.89 14.31 -16.83
N LEU A 350 33.98 14.64 -18.12
CA LEU A 350 32.81 15.05 -18.90
C LEU A 350 31.85 13.87 -19.08
N LEU A 351 32.39 12.68 -19.36
CA LEU A 351 31.58 11.50 -19.65
C LEU A 351 30.90 10.96 -18.40
N ASP A 352 31.41 11.31 -17.21
CA ASP A 352 30.74 11.03 -15.95
C ASP A 352 29.62 12.05 -15.74
N GLN A 353 29.85 13.33 -16.07
CA GLN A 353 28.83 14.36 -15.95
C GLN A 353 27.64 14.07 -16.87
N ILE A 354 27.92 13.79 -18.15
CA ILE A 354 26.86 13.52 -19.12
C ILE A 354 26.01 12.36 -18.62
N ALA A 355 26.66 11.28 -18.17
CA ALA A 355 25.98 10.12 -17.62
C ALA A 355 25.05 10.53 -16.47
N LYS A 356 25.60 11.25 -15.47
CA LYS A 356 24.82 11.69 -14.32
C LYS A 356 23.54 12.37 -14.81
N ILE A 357 23.68 13.44 -15.64
CA ILE A 357 22.55 14.21 -16.15
C ILE A 357 21.54 13.27 -16.82
N LEU A 358 22.02 12.36 -17.68
CA LEU A 358 21.14 11.48 -18.42
C LEU A 358 20.38 10.56 -17.47
N THR A 359 20.98 10.17 -16.34
CA THR A 359 20.32 9.32 -15.37
C THR A 359 19.34 10.15 -14.53
N ILE A 360 19.79 11.33 -14.06
CA ILE A 360 19.03 12.09 -13.06
C ILE A 360 17.85 12.79 -13.73
N TYR A 361 18.07 13.46 -14.86
CA TYR A 361 17.00 14.19 -15.52
C TYR A 361 16.17 13.20 -16.34
N GLN A 362 14.93 13.59 -16.63
CA GLN A 362 13.91 12.64 -17.08
C GLN A 362 13.40 13.02 -18.47
N SER A 363 13.05 14.30 -18.69
CA SER A 363 12.60 14.76 -19.98
C SER A 363 13.75 15.39 -20.77
N SER A 364 13.68 15.26 -22.12
CA SER A 364 14.68 15.78 -23.04
C SER A 364 14.93 17.28 -22.83
N GLU A 365 13.85 18.07 -22.71
CA GLU A 365 13.95 19.51 -22.64
C GLU A 365 14.64 19.94 -21.33
N ASP A 366 14.57 19.10 -20.28
CA ASP A 366 15.31 19.36 -19.05
C ASP A 366 16.79 19.01 -19.24
N ILE A 367 17.08 17.90 -19.95
CA ILE A 367 18.44 17.44 -20.17
C ILE A 367 19.20 18.49 -21.00
N GLN A 368 18.55 19.03 -22.04
CA GLN A 368 19.17 19.99 -22.93
C GLN A 368 19.63 21.23 -22.16
N GLU A 369 18.76 21.78 -21.28
CA GLU A 369 19.13 22.94 -20.49
C GLU A 369 20.33 22.59 -19.61
N GLU A 370 20.28 21.42 -18.97
CA GLU A 370 21.26 21.02 -17.97
C GLU A 370 22.63 20.80 -18.60
N LEU A 371 22.66 20.29 -19.85
CA LEU A 371 23.88 20.15 -20.63
C LEU A 371 24.41 21.52 -21.07
N THR A 372 23.52 22.42 -21.49
CA THR A 372 23.94 23.74 -21.95
C THR A 372 24.56 24.52 -20.79
N ASN A 373 24.07 24.33 -19.57
CA ASN A 373 24.62 24.95 -18.37
C ASN A 373 25.95 24.31 -17.95
N LEU A 374 26.28 23.13 -18.52
CA LEU A 374 27.46 22.35 -18.12
C LEU A 374 28.73 23.01 -18.63
N ASN A 375 28.63 23.81 -19.71
CA ASN A 375 29.72 24.62 -20.27
C ASN A 375 30.80 23.68 -20.80
N SER A 376 30.52 23.10 -21.98
CA SER A 376 31.35 22.08 -22.60
C SER A 376 31.74 22.54 -24.00
N GLU A 377 32.48 21.67 -24.73
CA GLU A 377 32.85 21.92 -26.11
C GLU A 377 31.85 21.23 -27.06
N LEU A 378 30.71 20.79 -26.53
CA LEU A 378 29.65 20.16 -27.32
C LEU A 378 28.87 21.24 -28.06
N THR A 379 28.39 20.90 -29.27
CA THR A 379 27.59 21.81 -30.08
C THR A 379 26.11 21.52 -29.82
N GLN A 380 25.24 22.49 -30.13
CA GLN A 380 23.81 22.38 -29.89
C GLN A 380 23.23 21.19 -30.67
N GLU A 381 23.77 20.95 -31.87
CA GLU A 381 23.41 19.78 -32.68
C GLU A 381 23.71 18.48 -31.92
N GLU A 382 24.89 18.41 -31.28
CA GLU A 382 25.32 17.23 -30.54
C GLU A 382 24.46 17.07 -29.29
N ILE A 383 24.26 18.16 -28.53
CA ILE A 383 23.46 18.17 -27.31
C ILE A 383 22.06 17.62 -27.59
N GLU A 384 21.44 18.04 -28.70
CA GLU A 384 20.09 17.62 -29.05
C GLU A 384 20.05 16.11 -29.36
N GLN A 385 21.15 15.54 -29.89
CA GLN A 385 21.23 14.09 -30.10
C GLN A 385 21.47 13.37 -28.77
N ILE A 386 22.32 13.94 -27.89
CA ILE A 386 22.62 13.35 -26.59
C ILE A 386 21.32 13.21 -25.80
N SER A 387 20.49 14.27 -25.79
CA SER A 387 19.31 14.34 -24.93
C SER A 387 18.28 13.25 -25.25
N ASN A 388 18.39 12.58 -26.42
CA ASN A 388 17.45 11.53 -26.79
C ASN A 388 18.07 10.13 -26.61
N LEU A 389 19.06 9.99 -25.72
CA LEU A 389 19.65 8.68 -25.41
C LEU A 389 18.76 7.97 -24.38
N LYS A 390 18.82 6.63 -24.39
CA LYS A 390 17.94 5.79 -23.58
C LYS A 390 18.77 4.85 -22.70
N GLY A 391 18.15 4.34 -21.62
CA GLY A 391 18.67 3.23 -20.84
C GLY A 391 19.62 3.68 -19.71
N TYR A 392 19.64 4.99 -19.42
CA TYR A 392 20.41 5.52 -18.30
C TYR A 392 19.54 5.47 -17.05
N THR A 393 19.76 4.43 -16.22
CA THR A 393 19.06 4.26 -14.96
C THR A 393 20.06 3.75 -13.91
N GLY A 394 19.60 3.59 -12.67
CA GLY A 394 20.24 2.72 -11.71
C GLY A 394 21.53 3.31 -11.15
N THR A 395 22.17 2.54 -10.26
CA THR A 395 23.36 2.98 -9.56
C THR A 395 24.42 1.87 -9.55
N HIS A 396 25.69 2.28 -9.50
CA HIS A 396 26.79 1.40 -9.14
C HIS A 396 26.71 1.22 -7.63
N ASN A 397 27.44 0.24 -7.06
CA ASN A 397 27.41 0.05 -5.62
C ASN A 397 28.30 1.05 -4.90
N LEU A 398 29.34 1.57 -5.58
CA LEU A 398 30.29 2.49 -4.97
C LEU A 398 29.96 3.90 -5.43
N SER A 399 30.48 4.91 -4.71
CA SER A 399 30.45 6.30 -5.14
C SER A 399 31.62 6.54 -6.10
N LEU A 400 31.60 7.68 -6.80
CA LEU A 400 32.73 8.11 -7.62
C LEU A 400 33.96 8.35 -6.73
N LYS A 401 33.76 8.91 -5.53
CA LYS A 401 34.81 9.07 -4.54
C LYS A 401 35.58 7.77 -4.37
N ALA A 402 34.86 6.66 -4.17
CA ALA A 402 35.45 5.37 -3.90
C ALA A 402 36.16 4.83 -5.13
N ILE A 403 35.60 5.06 -6.32
CA ILE A 403 36.12 4.50 -7.56
C ILE A 403 37.41 5.25 -7.93
N ASN A 404 37.35 6.59 -7.90
CA ASN A 404 38.50 7.43 -8.27
C ASN A 404 39.65 7.26 -7.27
N LEU A 405 39.35 6.72 -6.07
CA LEU A 405 40.37 6.36 -5.10
C LEU A 405 41.25 5.23 -5.65
N ILE A 406 40.62 4.12 -6.08
CA ILE A 406 41.35 2.86 -6.26
C ILE A 406 41.57 2.53 -7.74
N LEU A 407 41.27 3.47 -8.64
CA LEU A 407 41.29 3.19 -10.07
C LEU A 407 42.73 2.94 -10.55
N ASP A 408 43.71 3.59 -9.90
CA ASP A 408 45.13 3.44 -10.24
C ASP A 408 45.65 2.07 -9.79
N GLU A 409 45.20 1.60 -8.61
CA GLU A 409 45.60 0.30 -8.08
C GLU A 409 45.14 -0.83 -9.00
N LEU A 410 43.89 -0.76 -9.49
CA LEU A 410 43.37 -1.74 -10.44
C LEU A 410 44.14 -1.65 -11.74
N TRP A 411 44.51 -0.43 -12.17
CA TRP A 411 45.29 -0.22 -13.38
C TRP A 411 46.63 -0.95 -13.31
N HIS A 412 47.32 -0.87 -12.16
CA HIS A 412 48.68 -1.38 -12.04
C HIS A 412 48.67 -2.81 -11.49
N THR A 413 48.20 -2.99 -10.25
CA THR A 413 48.27 -4.28 -9.58
C THR A 413 47.06 -5.13 -10.00
N ASN A 414 47.29 -6.44 -10.14
CA ASN A 414 46.21 -7.40 -10.39
C ASN A 414 45.62 -7.81 -9.06
N ASP A 415 44.88 -6.88 -8.43
CA ASP A 415 44.37 -7.02 -7.07
C ASP A 415 42.84 -7.03 -7.10
N ALA A 416 42.24 -7.64 -6.07
CA ALA A 416 40.80 -7.58 -5.85
C ALA A 416 40.44 -6.24 -5.22
N GLN A 417 39.25 -5.73 -5.54
CA GLN A 417 38.74 -4.47 -4.99
C GLN A 417 38.75 -4.51 -3.47
N ILE A 418 38.37 -5.65 -2.88
CA ILE A 418 38.25 -5.80 -1.42
C ILE A 418 39.63 -5.61 -0.81
N ALA A 419 40.66 -6.23 -1.41
CA ALA A 419 42.03 -6.17 -0.91
C ALA A 419 42.56 -4.74 -0.86
N ILE A 420 42.19 -3.91 -1.86
CA ILE A 420 42.71 -2.55 -1.99
C ILE A 420 42.05 -1.65 -0.93
N PHE A 421 40.72 -1.75 -0.78
CA PHE A 421 39.99 -0.99 0.23
C PHE A 421 40.39 -1.45 1.64
N ASN A 422 40.68 -2.75 1.80
CA ASN A 422 41.21 -3.29 3.05
C ASN A 422 42.57 -2.65 3.36
N ALA A 423 43.45 -2.56 2.34
CA ALA A 423 44.78 -2.01 2.52
C ALA A 423 44.73 -0.53 2.90
N LEU A 424 43.92 0.27 2.19
CA LEU A 424 43.88 1.72 2.38
C LEU A 424 43.08 2.05 3.64
N LEU A 433 26.42 2.89 19.92
CA LEU A 433 26.05 1.52 20.38
C LEU A 433 26.63 1.23 21.77
N SER A 434 27.83 1.77 22.07
CA SER A 434 28.50 1.55 23.35
C SER A 434 27.86 2.37 24.48
N GLN A 435 27.04 3.38 24.13
CA GLN A 435 26.36 4.23 25.11
C GLN A 435 24.98 3.66 25.47
N GLN A 436 24.61 2.47 24.94
CA GLN A 436 23.26 1.96 25.03
C GLN A 436 23.10 1.09 26.29
N LYS A 437 21.89 1.12 26.88
CA LYS A 437 21.51 0.30 28.01
C LYS A 437 20.61 -0.87 27.57
N GLU A 438 19.75 -0.62 26.57
CA GLU A 438 18.80 -1.61 26.07
C GLU A 438 18.92 -1.69 24.55
N ILE A 439 18.44 -2.79 23.95
CA ILE A 439 18.57 -3.01 22.52
C ILE A 439 17.68 -2.00 21.80
N PRO A 440 18.21 -1.02 21.03
CA PRO A 440 17.37 0.02 20.45
C PRO A 440 16.61 -0.46 19.21
N THR A 441 15.33 -0.08 19.10
CA THR A 441 14.40 -0.67 18.15
C THR A 441 14.54 -0.04 16.77
N THR A 442 15.33 1.04 16.66
CA THR A 442 15.53 1.74 15.40
C THR A 442 16.46 0.94 14.48
N LEU A 443 17.23 -0.01 15.04
CA LEU A 443 18.22 -0.75 14.28
C LEU A 443 17.56 -1.67 13.25
N VAL A 444 16.37 -2.21 13.57
CA VAL A 444 15.57 -2.93 12.59
C VAL A 444 15.36 -2.04 11.36
N ASP A 445 14.92 -0.79 11.59
CA ASP A 445 14.54 0.12 10.52
C ASP A 445 15.70 0.35 9.53
N ASP A 446 16.95 0.24 10.02
CA ASP A 446 18.14 0.47 9.21
C ASP A 446 18.12 -0.39 7.93
N PHE A 447 17.78 -1.68 8.06
CA PHE A 447 17.72 -2.58 6.92
C PHE A 447 16.26 -2.94 6.63
N ILE A 448 15.93 -3.13 5.34
CA ILE A 448 14.57 -3.06 4.85
C ILE A 448 14.00 -4.48 4.79
N LEU A 449 12.74 -4.64 5.25
CA LEU A 449 12.07 -5.93 5.39
C LEU A 449 10.64 -5.85 4.86
N SER A 450 9.99 -7.03 4.77
CA SER A 450 8.55 -7.14 4.60
C SER A 450 7.82 -6.42 5.74
N PRO A 451 6.72 -5.66 5.48
CA PRO A 451 6.02 -4.96 6.56
C PRO A 451 5.61 -5.90 7.69
N VAL A 452 5.12 -7.08 7.32
CA VAL A 452 4.79 -8.13 8.27
C VAL A 452 5.99 -8.32 9.20
N VAL A 453 7.15 -8.66 8.63
CA VAL A 453 8.25 -9.20 9.41
C VAL A 453 8.77 -8.07 10.31
N LYS A 454 8.88 -6.86 9.75
CA LYS A 454 9.34 -5.70 10.52
C LYS A 454 8.57 -5.58 11.83
N ARG A 455 7.27 -5.90 11.82
CA ARG A 455 6.46 -5.77 13.03
C ARG A 455 6.83 -6.88 14.01
N SER A 456 6.86 -8.15 13.57
CA SER A 456 7.24 -9.26 14.45
C SER A 456 8.57 -8.99 15.13
N PHE A 457 9.52 -8.38 14.41
CA PHE A 457 10.87 -8.18 14.92
C PHE A 457 10.89 -7.07 15.95
N ILE A 458 10.24 -5.93 15.66
CA ILE A 458 10.18 -4.83 16.61
C ILE A 458 9.61 -5.37 17.93
N GLN A 459 8.54 -6.18 17.85
CA GLN A 459 7.97 -6.80 19.05
C GLN A 459 9.01 -7.67 19.74
N SER A 460 9.77 -8.48 18.98
CA SER A 460 10.69 -9.45 19.56
C SER A 460 11.81 -8.77 20.36
N ILE A 461 12.30 -7.64 19.86
CA ILE A 461 13.32 -6.88 20.56
C ILE A 461 12.73 -6.28 21.84
N LYS A 462 11.50 -5.75 21.75
CA LYS A 462 10.81 -5.25 22.94
C LYS A 462 10.60 -6.38 23.94
N VAL A 463 10.35 -7.62 23.49
CA VAL A 463 10.16 -8.74 24.40
C VAL A 463 11.49 -9.10 25.07
N ILE A 464 12.61 -9.18 24.30
CA ILE A 464 13.91 -9.52 24.87
C ILE A 464 14.32 -8.48 25.91
N ASN A 465 14.19 -7.19 25.60
CA ASN A 465 14.50 -6.11 26.53
C ASN A 465 13.78 -6.30 27.88
N ALA A 466 12.50 -6.69 27.82
CA ALA A 466 11.71 -6.82 29.04
C ALA A 466 12.15 -8.02 29.86
N ILE A 467 12.73 -9.05 29.23
CA ILE A 467 13.23 -10.20 29.99
C ILE A 467 14.57 -9.81 30.64
N ILE A 468 15.52 -9.30 29.84
CA ILE A 468 16.82 -8.85 30.35
C ILE A 468 16.63 -7.95 31.58
N LYS A 469 15.65 -7.04 31.54
CA LYS A 469 15.33 -6.22 32.69
C LYS A 469 14.91 -7.08 33.90
N LYS A 470 13.93 -7.97 33.72
CA LYS A 470 13.30 -8.66 34.83
C LYS A 470 14.20 -9.78 35.39
N TYR A 471 14.96 -10.47 34.52
CA TYR A 471 15.69 -11.68 34.90
C TYR A 471 17.20 -11.52 34.75
N GLY A 472 17.71 -10.36 34.31
CA GLY A 472 19.14 -10.23 34.00
C GLY A 472 19.48 -10.88 32.66
N LEU A 473 20.77 -10.92 32.30
CA LEU A 473 21.17 -11.37 30.97
C LEU A 473 20.94 -12.88 30.84
N PRO A 474 20.52 -13.39 29.66
CA PRO A 474 20.56 -14.82 29.40
C PRO A 474 21.97 -15.34 29.17
N ASN A 475 22.14 -16.67 29.22
CA ASN A 475 23.35 -17.32 28.74
C ASN A 475 23.26 -17.49 27.23
N ASP A 476 22.12 -18.01 26.74
CA ASP A 476 21.88 -18.15 25.32
C ASP A 476 20.53 -17.55 24.97
N ILE A 477 20.41 -17.02 23.74
CA ILE A 477 19.13 -16.67 23.13
C ILE A 477 19.00 -17.53 21.88
N ILE A 478 17.81 -18.09 21.64
CA ILE A 478 17.58 -18.93 20.50
C ILE A 478 16.34 -18.42 19.78
N ILE A 479 16.28 -18.58 18.46
CA ILE A 479 15.23 -17.98 17.65
C ILE A 479 14.72 -19.03 16.66
N GLU A 480 13.40 -18.95 16.37
CA GLU A 480 12.76 -19.69 15.29
C GLU A 480 11.73 -18.79 14.63
N LEU A 481 11.93 -18.45 13.34
CA LEU A 481 10.91 -17.73 12.57
C LEU A 481 9.87 -18.75 12.09
N ALA A 482 8.64 -18.27 11.86
CA ALA A 482 7.60 -19.07 11.23
C ALA A 482 7.85 -19.13 9.72
N ARG A 483 7.58 -20.29 9.12
CA ARG A 483 7.77 -20.51 7.69
C ARG A 483 6.61 -19.84 6.94
N GLU A 484 6.91 -18.71 6.28
CA GLU A 484 5.95 -17.80 5.66
C GLU A 484 4.60 -17.84 6.42
N ILE A 645 17.68 -35.17 12.83
CA ILE A 645 18.91 -35.93 12.40
C ILE A 645 19.59 -35.20 11.24
N ASN A 646 18.83 -34.53 10.36
CA ASN A 646 19.40 -33.73 9.28
C ASN A 646 20.13 -32.53 9.89
N ARG A 647 21.24 -32.12 9.26
CA ARG A 647 22.03 -30.96 9.69
C ARG A 647 21.88 -29.84 8.67
N ASN A 648 20.64 -29.34 8.54
CA ASN A 648 20.36 -28.05 7.93
C ASN A 648 19.47 -27.28 8.90
N LEU A 649 20.08 -26.87 10.02
CA LEU A 649 19.38 -26.31 11.18
C LEU A 649 19.57 -24.79 11.23
N VAL A 650 20.80 -24.31 10.94
CA VAL A 650 21.08 -22.88 10.85
C VAL A 650 20.19 -22.33 9.73
N ASP A 651 19.31 -21.38 10.10
CA ASP A 651 18.27 -20.87 9.22
C ASP A 651 18.89 -19.90 8.22
N THR A 652 18.54 -20.06 6.93
CA THR A 652 19.10 -19.27 5.84
C THR A 652 17.96 -18.47 5.19
N ARG A 653 17.60 -17.35 5.84
CA ARG A 653 16.68 -16.37 5.30
C ARG A 653 17.19 -14.97 5.64
N TYR A 654 16.94 -14.02 4.74
CA TYR A 654 17.51 -12.68 4.82
C TYR A 654 17.15 -12.01 6.15
N ALA A 655 15.89 -12.20 6.60
CA ALA A 655 15.41 -11.64 7.85
C ALA A 655 16.13 -12.27 9.04
N THR A 656 16.19 -13.62 9.08
CA THR A 656 16.76 -14.33 10.22
C THR A 656 18.24 -13.95 10.38
N ARG A 657 18.97 -13.92 9.26
CA ARG A 657 20.35 -13.44 9.24
C ARG A 657 20.41 -12.01 9.77
N GLY A 658 19.53 -11.13 9.25
CA GLY A 658 19.50 -9.73 9.64
C GLY A 658 19.32 -9.55 11.15
N LEU A 659 18.40 -10.34 11.74
CA LEU A 659 18.08 -10.23 13.15
C LEU A 659 19.30 -10.60 13.99
N MET A 660 19.87 -11.78 13.76
CA MET A 660 20.97 -12.27 14.60
C MET A 660 22.20 -11.39 14.44
N ASN A 661 22.39 -10.76 13.26
CA ASN A 661 23.47 -9.80 13.08
C ASN A 661 23.22 -8.55 13.93
N LEU A 662 21.97 -8.05 13.97
CA LEU A 662 21.60 -6.95 14.86
C LEU A 662 22.01 -7.31 16.29
N LEU A 663 21.59 -8.50 16.77
CA LEU A 663 21.74 -8.87 18.17
C LEU A 663 23.21 -9.11 18.51
N ARG A 664 23.91 -9.89 17.67
CA ARG A 664 25.31 -10.23 17.93
C ARG A 664 26.15 -8.95 17.97
N SER A 665 25.93 -8.04 17.02
CA SER A 665 26.56 -6.73 17.03
C SER A 665 26.39 -6.05 18.40
N TYR A 666 25.13 -6.03 18.89
CA TYR A 666 24.78 -5.30 20.11
C TYR A 666 25.56 -5.84 21.30
N PHE A 667 25.57 -7.17 21.48
CA PHE A 667 26.20 -7.77 22.64
C PHE A 667 27.72 -7.59 22.57
N ARG A 668 28.29 -7.79 21.37
CA ARG A 668 29.71 -7.62 21.11
C ARG A 668 30.18 -6.23 21.56
N VAL A 669 29.48 -5.18 21.12
CA VAL A 669 29.90 -3.81 21.38
C VAL A 669 29.90 -3.55 22.89
N ASN A 670 28.84 -3.95 23.59
CA ASN A 670 28.62 -3.58 24.99
C ASN A 670 29.31 -4.57 25.94
N ASN A 671 29.94 -5.63 25.39
CA ASN A 671 30.74 -6.59 26.15
C ASN A 671 29.85 -7.35 27.13
N LEU A 672 28.92 -8.13 26.55
CA LEU A 672 27.96 -8.94 27.29
C LEU A 672 28.01 -10.35 26.72
N ASP A 673 28.36 -11.35 27.56
CA ASP A 673 28.57 -12.70 27.07
C ASP A 673 27.22 -13.37 26.84
N VAL A 674 26.68 -13.20 25.62
CA VAL A 674 25.37 -13.73 25.25
C VAL A 674 25.51 -14.44 23.90
N LYS A 675 25.08 -15.71 23.85
CA LYS A 675 25.23 -16.54 22.67
C LYS A 675 23.90 -16.60 21.91
N VAL A 676 23.75 -15.74 20.90
CA VAL A 676 22.56 -15.75 20.05
C VAL A 676 22.71 -16.93 19.07
N LYS A 677 21.61 -17.63 18.79
CA LYS A 677 21.61 -18.80 17.91
C LYS A 677 20.36 -18.77 17.04
N SER A 678 20.18 -19.79 16.18
CA SER A 678 18.91 -20.06 15.51
C SER A 678 18.78 -21.55 15.19
N ILE A 679 17.54 -21.99 14.94
CA ILE A 679 17.24 -23.35 14.51
C ILE A 679 16.14 -23.25 13.45
N ASN A 680 16.04 -24.29 12.61
CA ASN A 680 15.17 -24.26 11.44
C ASN A 680 13.73 -24.53 11.86
N GLY A 681 12.78 -23.87 11.16
CA GLY A 681 11.36 -23.99 11.39
C GLY A 681 10.90 -25.45 11.53
N GLY A 682 11.30 -26.28 10.55
CA GLY A 682 11.02 -27.71 10.52
C GLY A 682 11.46 -28.43 11.80
N PHE A 683 12.65 -28.08 12.32
CA PHE A 683 13.30 -28.86 13.37
C PHE A 683 12.40 -29.05 14.58
N THR A 684 11.69 -27.98 15.01
CA THR A 684 10.83 -28.06 16.19
C THR A 684 9.82 -29.19 16.03
N SER A 685 9.16 -29.26 14.85
CA SER A 685 8.16 -30.27 14.56
C SER A 685 8.72 -31.68 14.77
N PHE A 686 9.99 -31.90 14.38
CA PHE A 686 10.63 -33.21 14.52
C PHE A 686 10.63 -33.62 16.00
N LEU A 687 11.08 -32.70 16.89
CA LEU A 687 11.18 -33.01 18.31
C LEU A 687 9.79 -33.29 18.90
N ARG A 688 8.74 -32.64 18.37
CA ARG A 688 7.37 -32.85 18.82
C ARG A 688 6.93 -34.29 18.50
N ARG A 689 7.27 -34.76 17.28
CA ARG A 689 6.98 -36.13 16.87
C ARG A 689 7.82 -37.09 17.71
N LYS A 690 9.10 -36.75 17.95
CA LYS A 690 10.05 -37.58 18.67
C LYS A 690 9.60 -37.79 20.11
N TRP A 691 9.18 -36.71 20.79
CA TRP A 691 8.81 -36.76 22.20
C TRP A 691 7.30 -36.87 22.40
N LYS A 692 6.54 -37.13 21.31
CA LYS A 692 5.12 -37.48 21.36
C LYS A 692 4.35 -36.35 22.04
N PHE A 693 4.21 -35.23 21.31
CA PHE A 693 3.71 -33.97 21.85
C PHE A 693 3.00 -33.22 20.72
N LYS A 694 1.71 -33.50 20.54
CA LYS A 694 0.99 -33.15 19.32
C LYS A 694 0.74 -31.64 19.27
N LYS A 695 1.15 -31.00 18.16
CA LYS A 695 0.86 -29.60 17.89
C LYS A 695 -0.61 -29.47 17.50
N GLU A 696 -1.29 -28.43 18.03
CA GLU A 696 -2.68 -28.16 17.68
C GLU A 696 -3.02 -26.72 18.09
N ARG A 697 -3.43 -25.91 17.09
CA ARG A 697 -3.95 -24.56 17.33
C ARG A 697 -5.21 -24.63 18.21
N ASN A 698 -6.01 -25.69 18.00
CA ASN A 698 -7.17 -26.04 18.82
C ASN A 698 -7.02 -25.52 20.25
N LYS A 699 -5.96 -25.93 20.97
CA LYS A 699 -5.83 -25.70 22.41
C LYS A 699 -5.91 -24.22 22.75
N GLY A 700 -5.25 -23.36 21.95
CA GLY A 700 -5.21 -21.94 22.21
C GLY A 700 -3.89 -21.32 21.74
N TYR A 701 -3.58 -20.12 22.24
CA TYR A 701 -2.34 -19.43 21.91
C TYR A 701 -1.13 -20.06 22.59
N LYS A 702 -1.37 -20.84 23.66
CA LYS A 702 -0.29 -21.48 24.40
C LYS A 702 0.66 -22.28 23.50
N HIS A 703 0.18 -22.82 22.37
CA HIS A 703 1.04 -23.58 21.46
C HIS A 703 2.28 -22.78 21.07
N HIS A 704 2.16 -21.47 20.83
CA HIS A 704 3.30 -20.64 20.48
C HIS A 704 4.34 -20.63 21.60
N ALA A 705 3.87 -20.56 22.86
CA ALA A 705 4.75 -20.54 24.02
C ALA A 705 5.38 -21.91 24.19
N GLU A 706 4.61 -23.00 24.03
CA GLU A 706 5.18 -24.31 24.26
C GLU A 706 6.02 -24.73 23.04
N ASP A 707 5.98 -23.98 21.93
CA ASP A 707 7.02 -24.06 20.92
C ASP A 707 8.31 -23.48 21.48
N ALA A 708 8.24 -22.29 22.09
CA ALA A 708 9.41 -21.60 22.60
C ALA A 708 10.16 -22.48 23.60
N LEU A 709 9.44 -23.14 24.51
CA LEU A 709 10.09 -23.92 25.57
C LEU A 709 10.84 -25.11 24.97
N ILE A 710 10.28 -25.73 23.90
CA ILE A 710 10.95 -26.79 23.16
C ILE A 710 12.27 -26.28 22.58
N ILE A 711 12.23 -25.12 21.90
CA ILE A 711 13.43 -24.54 21.29
C ILE A 711 14.51 -24.39 22.35
N ALA A 712 14.11 -23.95 23.55
CA ALA A 712 15.05 -23.68 24.62
C ALA A 712 15.66 -24.99 25.13
N ASN A 713 14.90 -26.09 25.10
CA ASN A 713 15.42 -27.39 25.51
C ASN A 713 16.30 -28.02 24.44
N ALA A 714 16.14 -27.63 23.16
CA ALA A 714 17.07 -28.08 22.13
C ALA A 714 18.49 -27.60 22.44
N ASP A 715 18.62 -26.42 23.07
CA ASP A 715 19.89 -25.90 23.59
C ASP A 715 20.54 -26.87 24.57
N PHE A 716 19.74 -27.47 25.46
CA PHE A 716 20.21 -28.49 26.39
C PHE A 716 20.73 -29.71 25.63
N ILE A 717 20.03 -30.11 24.55
CA ILE A 717 20.46 -31.24 23.73
C ILE A 717 21.77 -30.86 23.02
N PHE A 718 21.90 -29.59 22.58
CA PHE A 718 23.14 -29.11 21.97
C PHE A 718 24.10 -28.56 23.04
N LYS A 719 24.07 -29.14 24.24
CA LYS A 719 25.18 -29.07 25.19
C LYS A 719 25.52 -30.48 25.70
N GLU A 720 24.53 -31.15 26.33
CA GLU A 720 24.74 -32.40 27.06
C GLU A 720 24.14 -33.57 26.25
N THR A 759 14.06 -37.34 26.39
CA THR A 759 14.04 -37.38 27.88
C THR A 759 12.59 -37.24 28.33
N PRO A 760 12.06 -38.08 29.27
CA PRO A 760 10.69 -37.92 29.75
C PRO A 760 10.49 -36.74 30.71
N HIS A 761 11.35 -36.62 31.74
CA HIS A 761 11.09 -35.77 32.90
C HIS A 761 11.07 -34.29 32.52
N GLN A 762 11.99 -33.87 31.64
CA GLN A 762 12.09 -32.49 31.21
C GLN A 762 10.85 -32.10 30.41
N ILE A 763 10.39 -32.98 29.52
CA ILE A 763 9.27 -32.70 28.64
C ILE A 763 7.96 -32.89 29.42
N LYS A 764 8.01 -33.68 30.51
CA LYS A 764 6.89 -33.72 31.46
C LYS A 764 6.67 -32.33 32.06
N HIS A 765 7.77 -31.66 32.47
CA HIS A 765 7.69 -30.29 32.96
C HIS A 765 7.07 -29.36 31.90
N ILE A 766 7.53 -29.44 30.64
CA ILE A 766 7.03 -28.58 29.58
C ILE A 766 5.53 -28.83 29.41
N LYS A 767 5.13 -30.11 29.32
CA LYS A 767 3.77 -30.49 28.94
C LYS A 767 2.80 -30.23 30.09
N ASP A 768 3.22 -30.47 31.34
CA ASP A 768 2.35 -30.30 32.51
C ASP A 768 2.35 -28.86 33.02
N PHE A 769 3.26 -28.00 32.50
CA PHE A 769 3.32 -26.60 32.91
C PHE A 769 2.01 -25.89 32.61
N LYS A 770 1.66 -24.91 33.46
CA LYS A 770 0.35 -24.27 33.41
C LYS A 770 0.47 -22.75 33.35
N ASP A 771 1.33 -22.11 34.17
CA ASP A 771 1.29 -20.67 34.37
C ASP A 771 1.85 -19.91 33.17
N TYR A 772 1.16 -20.03 32.02
CA TYR A 772 1.42 -19.23 30.83
C TYR A 772 0.91 -17.81 31.04
N LYS A 773 1.38 -16.89 30.19
CA LYS A 773 1.02 -15.50 30.26
C LYS A 773 0.75 -14.97 28.85
N TYR A 774 -0.28 -14.13 28.70
CA TYR A 774 -0.65 -13.60 27.41
C TYR A 774 -0.60 -12.09 27.49
N SER A 775 -0.09 -11.43 26.45
CA SER A 775 -0.08 -9.99 26.38
C SER A 775 -0.58 -9.50 25.03
N HIS A 776 -1.87 -9.21 24.93
CA HIS A 776 -2.43 -8.69 23.69
C HIS A 776 -2.08 -7.22 23.57
N ARG A 777 -1.70 -6.75 22.39
CA ARG A 777 -1.29 -5.35 22.24
C ARG A 777 -2.53 -4.47 22.12
N VAL A 778 -2.50 -3.28 22.73
CA VAL A 778 -3.64 -2.37 22.77
C VAL A 778 -3.40 -1.23 21.78
N ASP A 779 -4.35 -1.01 20.87
CA ASP A 779 -4.29 0.07 19.91
C ASP A 779 -5.00 1.29 20.45
N LYS A 780 -4.31 2.45 20.47
CA LYS A 780 -4.93 3.71 20.85
C LYS A 780 -4.76 4.80 19.79
N LYS A 781 -4.42 4.41 18.55
CA LYS A 781 -4.12 5.38 17.49
C LYS A 781 -5.37 6.16 17.11
N PRO A 782 -5.37 7.52 17.17
CA PRO A 782 -6.46 8.31 16.59
C PRO A 782 -6.36 8.50 15.08
N ASN A 783 -7.48 8.87 14.48
CA ASN A 783 -7.63 9.08 13.04
C ASN A 783 -7.34 7.80 12.28
N ARG A 784 -7.94 6.68 12.70
CA ARG A 784 -8.10 5.53 11.80
C ARG A 784 -9.38 5.75 11.00
N LYS A 785 -9.70 4.81 10.08
CA LYS A 785 -10.94 4.83 9.32
C LYS A 785 -12.11 5.21 10.19
N LEU A 786 -12.89 6.21 9.74
CA LEU A 786 -13.94 6.81 10.53
C LEU A 786 -15.29 6.12 10.30
N ILE A 787 -15.54 5.60 9.09
CA ILE A 787 -16.87 5.20 8.65
C ILE A 787 -16.77 4.46 7.32
N ASN A 788 -17.83 3.78 6.88
CA ASN A 788 -17.82 3.14 5.57
C ASN A 788 -18.11 4.14 4.45
N ASP A 789 -17.56 3.87 3.26
CA ASP A 789 -17.62 4.74 2.09
C ASP A 789 -19.03 4.94 1.57
N THR A 790 -19.82 3.85 1.45
CA THR A 790 -21.08 3.83 0.71
C THR A 790 -22.05 4.91 1.20
N LEU A 791 -22.83 5.47 0.28
CA LEU A 791 -23.88 6.41 0.60
C LEU A 791 -25.22 5.71 0.48
N TYR A 792 -26.18 6.09 1.34
CA TYR A 792 -27.48 5.47 1.33
C TYR A 792 -28.54 6.57 1.31
N SER A 793 -29.55 6.40 0.44
CA SER A 793 -30.74 7.22 0.52
C SER A 793 -31.64 6.64 1.60
N THR A 794 -32.62 7.43 2.06
CA THR A 794 -33.56 6.93 3.05
C THR A 794 -34.97 7.20 2.54
N ARG A 795 -35.96 6.58 3.20
CA ARG A 795 -37.36 6.84 2.95
C ARG A 795 -38.20 6.57 4.20
N LYS A 796 -39.31 7.30 4.35
CA LYS A 796 -40.29 7.04 5.38
C LYS A 796 -41.35 6.10 4.81
N ASP A 797 -41.57 4.96 5.49
CA ASP A 797 -42.50 3.94 5.04
C ASP A 797 -43.92 4.32 5.48
N ASP A 798 -44.87 3.38 5.34
CA ASP A 798 -46.28 3.59 5.70
C ASP A 798 -46.43 3.89 7.19
N LYS A 799 -45.64 3.21 8.04
CA LYS A 799 -45.75 3.32 9.49
C LYS A 799 -45.03 4.57 10.02
N GLY A 800 -44.29 5.28 9.13
CA GLY A 800 -43.59 6.50 9.50
C GLY A 800 -42.22 6.21 10.12
N ASN A 801 -41.57 5.14 9.62
CA ASN A 801 -40.24 4.76 10.04
C ASN A 801 -39.28 5.07 8.89
N THR A 802 -38.24 5.88 9.19
CA THR A 802 -37.18 6.11 8.22
C THR A 802 -36.45 4.78 8.00
N ARG A 803 -36.23 4.43 6.73
CA ARG A 803 -35.55 3.20 6.37
C ARG A 803 -34.49 3.48 5.32
N ILE A 804 -33.38 2.75 5.39
CA ILE A 804 -32.39 2.74 4.33
C ILE A 804 -33.07 2.21 3.06
N VAL A 805 -32.81 2.83 1.89
CA VAL A 805 -33.17 2.24 0.61
C VAL A 805 -32.05 1.31 0.17
N ASN A 806 -32.40 0.10 -0.27
CA ASN A 806 -31.46 -0.84 -0.88
C ASN A 806 -31.69 -0.91 -2.39
N ASN A 807 -30.83 -1.65 -3.12
CA ASN A 807 -31.01 -1.93 -4.55
C ASN A 807 -30.73 -3.39 -4.88
N LEU A 808 -31.62 -4.03 -5.67
CA LEU A 808 -31.34 -5.32 -6.28
C LEU A 808 -30.73 -5.08 -7.67
N ASN A 809 -29.47 -5.49 -7.85
CA ASN A 809 -28.81 -5.48 -9.14
C ASN A 809 -28.73 -6.91 -9.66
N GLY A 810 -28.19 -7.09 -10.88
CA GLY A 810 -27.97 -8.42 -11.42
C GLY A 810 -29.27 -9.22 -11.46
N LEU A 811 -30.28 -8.66 -12.12
CA LEU A 811 -31.61 -9.25 -12.11
C LEU A 811 -31.64 -10.46 -13.04
N TYR A 812 -30.85 -10.40 -14.13
CA TYR A 812 -30.88 -11.41 -15.17
C TYR A 812 -29.64 -12.30 -15.05
N ASP A 813 -29.48 -12.96 -13.89
CA ASP A 813 -28.39 -13.90 -13.65
C ASP A 813 -28.98 -15.27 -13.34
N LYS A 814 -28.30 -16.33 -13.78
CA LYS A 814 -28.80 -17.71 -13.73
C LYS A 814 -29.18 -18.08 -12.30
N ASP A 815 -28.27 -17.84 -11.35
CA ASP A 815 -28.42 -18.30 -9.97
C ASP A 815 -28.54 -17.09 -9.06
N ASN A 816 -29.69 -16.38 -9.16
CA ASN A 816 -29.96 -15.22 -8.31
C ASN A 816 -31.44 -15.24 -7.93
N ASP A 817 -31.72 -15.56 -6.66
CA ASP A 817 -33.08 -15.79 -6.18
C ASP A 817 -33.55 -14.64 -5.27
N LYS A 818 -32.78 -13.55 -5.21
CA LYS A 818 -33.03 -12.43 -4.31
C LYS A 818 -34.41 -11.85 -4.52
N LEU A 819 -34.77 -11.55 -5.78
CA LEU A 819 -36.02 -10.89 -6.10
C LEU A 819 -37.20 -11.86 -5.92
N LYS A 820 -37.02 -13.13 -6.30
CA LYS A 820 -38.08 -14.11 -6.20
C LYS A 820 -38.42 -14.37 -4.72
N LYS A 821 -37.38 -14.39 -3.87
CA LYS A 821 -37.57 -14.47 -2.43
C LYS A 821 -38.31 -13.24 -1.93
N LEU A 822 -37.91 -12.05 -2.38
CA LEU A 822 -38.46 -10.80 -1.91
C LEU A 822 -39.93 -10.67 -2.30
N ILE A 823 -40.30 -11.12 -3.51
CA ILE A 823 -41.67 -10.97 -3.99
C ILE A 823 -42.59 -11.90 -3.19
N ASN A 824 -42.13 -13.12 -2.89
CA ASN A 824 -42.95 -14.10 -2.19
C ASN A 824 -43.14 -13.67 -0.73
N LYS A 825 -42.06 -13.22 -0.07
CA LYS A 825 -42.12 -12.78 1.32
C LYS A 825 -42.83 -11.43 1.42
N SER A 826 -42.27 -10.41 0.75
CA SER A 826 -42.48 -9.02 1.09
C SER A 826 -42.69 -8.19 -0.17
N PRO A 827 -43.81 -8.37 -0.92
CA PRO A 827 -44.04 -7.56 -2.12
C PRO A 827 -44.13 -6.08 -1.80
N GLU A 828 -44.63 -5.74 -0.60
CA GLU A 828 -44.80 -4.37 -0.18
C GLU A 828 -43.47 -3.67 0.09
N LYS A 829 -42.34 -4.37 0.10
CA LYS A 829 -41.07 -3.71 0.34
C LYS A 829 -40.54 -3.04 -0.92
N LEU A 830 -41.05 -3.40 -2.11
CA LEU A 830 -40.62 -2.79 -3.37
C LEU A 830 -41.20 -1.40 -3.48
N LEU A 831 -40.43 -0.43 -3.97
CA LEU A 831 -40.96 0.92 -4.12
C LEU A 831 -41.94 0.96 -5.29
N MET A 832 -41.71 0.16 -6.32
CA MET A 832 -42.60 0.12 -7.48
C MET A 832 -43.91 -0.58 -7.17
N TYR A 833 -43.98 -1.31 -6.04
CA TYR A 833 -45.26 -1.83 -5.59
C TYR A 833 -46.21 -0.66 -5.36
N HIS A 834 -45.68 0.43 -4.80
CA HIS A 834 -46.48 1.59 -4.44
C HIS A 834 -46.62 2.52 -5.63
N HIS A 835 -45.54 2.65 -6.41
CA HIS A 835 -45.34 3.81 -7.27
C HIS A 835 -45.54 3.47 -8.75
N ASP A 836 -45.22 2.23 -9.17
CA ASP A 836 -45.46 1.80 -10.53
C ASP A 836 -46.26 0.51 -10.48
N PRO A 837 -47.54 0.52 -9.98
CA PRO A 837 -48.32 -0.71 -9.86
C PRO A 837 -48.44 -1.53 -11.14
N GLN A 838 -48.50 -0.85 -12.29
CA GLN A 838 -48.68 -1.49 -13.58
C GLN A 838 -47.43 -2.30 -13.93
N THR A 839 -46.24 -1.77 -13.64
CA THR A 839 -45.00 -2.49 -13.87
C THR A 839 -44.85 -3.61 -12.85
N TYR A 840 -45.43 -3.44 -11.66
CA TYR A 840 -45.37 -4.48 -10.63
C TYR A 840 -46.21 -5.68 -11.11
N GLN A 841 -47.47 -5.44 -11.49
CA GLN A 841 -48.33 -6.51 -11.98
C GLN A 841 -47.69 -7.21 -13.18
N LYS A 842 -46.95 -6.46 -14.01
CA LYS A 842 -46.30 -6.99 -15.19
C LYS A 842 -45.14 -7.91 -14.80
N LEU A 843 -44.45 -7.61 -13.69
CA LEU A 843 -43.34 -8.41 -13.20
C LEU A 843 -43.85 -9.67 -12.50
N LYS A 844 -45.01 -9.58 -11.82
CA LYS A 844 -45.56 -10.71 -11.07
C LYS A 844 -45.99 -11.82 -12.02
N LEU A 845 -46.46 -11.47 -13.23
CA LEU A 845 -46.87 -12.46 -14.22
C LEU A 845 -45.66 -13.27 -14.70
N ILE A 846 -44.46 -12.66 -14.70
CA ILE A 846 -43.25 -13.36 -15.08
C ILE A 846 -42.89 -14.33 -13.95
N MET A 847 -42.90 -13.87 -12.70
CA MET A 847 -42.51 -14.70 -11.57
C MET A 847 -43.42 -15.92 -11.47
N GLU A 848 -44.71 -15.76 -11.78
CA GLU A 848 -45.66 -16.86 -11.79
C GLU A 848 -45.38 -17.79 -12.98
N GLN A 849 -45.08 -17.22 -14.17
CA GLN A 849 -44.81 -17.98 -15.37
C GLN A 849 -43.64 -18.95 -15.16
N TYR A 850 -42.50 -18.44 -14.68
CA TYR A 850 -41.29 -19.23 -14.56
C TYR A 850 -40.93 -19.37 -13.08
N GLY A 851 -41.92 -19.80 -12.27
CA GLY A 851 -41.76 -19.98 -10.84
C GLY A 851 -40.71 -21.04 -10.49
N ASP A 852 -40.70 -22.15 -11.24
CA ASP A 852 -39.96 -23.35 -10.88
C ASP A 852 -38.44 -23.10 -10.81
N GLU A 853 -37.93 -22.11 -11.56
CA GLU A 853 -36.50 -21.84 -11.64
C GLU A 853 -36.08 -20.96 -10.47
N LYS A 854 -34.76 -20.75 -10.31
CA LYS A 854 -34.24 -19.84 -9.30
C LYS A 854 -34.65 -18.41 -9.62
N ASN A 855 -34.38 -17.98 -10.87
CA ASN A 855 -34.54 -16.61 -11.31
C ASN A 855 -35.52 -16.60 -12.48
N PRO A 856 -36.85 -16.42 -12.26
CA PRO A 856 -37.81 -16.24 -13.34
C PRO A 856 -37.39 -15.31 -14.47
N LEU A 857 -36.66 -14.23 -14.16
CA LEU A 857 -36.24 -13.25 -15.15
C LEU A 857 -35.20 -13.84 -16.09
N TYR A 858 -34.32 -14.73 -15.58
CA TYR A 858 -33.35 -15.40 -16.42
C TYR A 858 -34.07 -16.14 -17.54
N LYS A 859 -35.12 -16.91 -17.22
CA LYS A 859 -35.89 -17.60 -18.25
C LYS A 859 -36.55 -16.60 -19.20
N TYR A 860 -37.05 -15.47 -18.66
CA TYR A 860 -37.64 -14.45 -19.50
C TYR A 860 -36.60 -13.97 -20.52
N TYR A 861 -35.36 -13.77 -20.09
CA TYR A 861 -34.30 -13.32 -21.00
C TYR A 861 -33.90 -14.44 -21.95
N GLU A 862 -33.88 -15.69 -21.46
CA GLU A 862 -33.40 -16.82 -22.25
C GLU A 862 -34.39 -17.15 -23.36
N GLU A 863 -35.69 -17.28 -23.01
CA GLU A 863 -36.70 -17.79 -23.92
C GLU A 863 -37.06 -16.74 -24.97
N THR A 864 -37.34 -15.49 -24.54
CA THR A 864 -37.85 -14.46 -25.43
C THR A 864 -36.69 -13.65 -26.02
N GLY A 865 -35.65 -13.39 -25.21
CA GLY A 865 -34.49 -12.62 -25.66
C GLY A 865 -34.72 -11.13 -25.56
N ASN A 866 -35.27 -10.69 -24.41
CA ASN A 866 -35.64 -9.29 -24.21
C ASN A 866 -35.75 -9.01 -22.70
N TYR A 867 -35.04 -7.97 -22.23
CA TYR A 867 -35.07 -7.55 -20.84
C TYR A 867 -36.44 -6.96 -20.52
N LEU A 868 -36.78 -6.96 -19.22
CA LEU A 868 -38.08 -6.52 -18.75
C LEU A 868 -38.13 -4.99 -18.82
N THR A 869 -39.19 -4.47 -19.46
CA THR A 869 -39.34 -3.04 -19.61
C THR A 869 -40.46 -2.54 -18.71
N LYS A 870 -40.33 -1.28 -18.29
CA LYS A 870 -41.38 -0.56 -17.57
C LYS A 870 -42.67 -0.67 -18.37
N TYR A 871 -43.81 -0.69 -17.68
CA TYR A 871 -45.09 -0.68 -18.39
C TYR A 871 -45.22 0.62 -19.19
N SER A 872 -45.76 0.50 -20.42
CA SER A 872 -46.10 1.62 -21.30
C SER A 872 -47.19 1.21 -22.27
N LYS A 873 -47.96 2.20 -22.74
CA LYS A 873 -49.11 1.96 -23.62
C LYS A 873 -48.68 1.56 -25.03
N LYS A 874 -47.47 1.95 -25.46
CA LYS A 874 -47.00 1.76 -26.82
C LYS A 874 -45.74 0.88 -26.88
N ASP A 875 -45.43 0.19 -25.77
CA ASP A 875 -44.21 -0.60 -25.65
C ASP A 875 -43.00 0.26 -26.01
N ASN A 876 -42.76 1.31 -25.21
CA ASN A 876 -41.56 2.13 -25.30
C ASN A 876 -41.07 2.57 -23.91
N GLY A 877 -41.36 1.80 -22.85
CA GLY A 877 -40.78 2.04 -21.53
C GLY A 877 -39.32 1.54 -21.48
N PRO A 878 -38.45 2.06 -20.59
CA PRO A 878 -37.06 1.59 -20.54
C PRO A 878 -36.90 0.23 -19.88
N VAL A 879 -35.76 -0.40 -20.13
CA VAL A 879 -35.37 -1.63 -19.47
C VAL A 879 -35.35 -1.37 -17.95
N ILE A 880 -35.62 -2.42 -17.15
CA ILE A 880 -35.39 -2.41 -15.73
C ILE A 880 -34.09 -3.15 -15.45
N LYS A 881 -33.18 -2.50 -14.72
CA LYS A 881 -31.85 -3.04 -14.46
C LYS A 881 -31.51 -3.07 -12.96
N LYS A 882 -32.14 -2.20 -12.15
CA LYS A 882 -32.05 -2.31 -10.71
C LYS A 882 -33.44 -2.05 -10.14
N ILE A 883 -33.71 -2.62 -8.97
CA ILE A 883 -34.98 -2.42 -8.28
C ILE A 883 -34.68 -1.96 -6.86
N LYS A 884 -35.26 -0.82 -6.46
CA LYS A 884 -35.11 -0.30 -5.11
C LYS A 884 -36.18 -0.88 -4.19
N TYR A 885 -35.78 -1.26 -2.97
CA TYR A 885 -36.75 -1.76 -2.00
C TYR A 885 -36.34 -1.27 -0.62
N TYR A 886 -37.31 -1.27 0.33
CA TYR A 886 -37.09 -0.73 1.67
C TYR A 886 -36.31 -1.75 2.48
N GLY A 887 -35.22 -1.31 3.11
CA GLY A 887 -34.39 -2.17 3.93
C GLY A 887 -34.54 -1.82 5.43
N ASN A 888 -33.41 -1.85 6.14
CA ASN A 888 -33.41 -1.82 7.60
C ASN A 888 -33.85 -0.46 8.08
N LYS A 889 -34.29 -0.39 9.34
CA LYS A 889 -34.60 0.87 9.98
C LYS A 889 -33.31 1.63 10.25
N LEU A 890 -33.40 2.97 10.30
CA LEU A 890 -32.25 3.86 10.48
C LEU A 890 -32.12 4.20 11.96
N ASN A 891 -30.99 3.80 12.60
CA ASN A 891 -30.64 4.25 13.95
C ASN A 891 -29.28 4.96 13.89
N ALA A 892 -28.18 4.20 14.05
CA ALA A 892 -26.84 4.74 14.22
C ALA A 892 -26.26 5.08 12.85
N HIS A 893 -26.08 6.36 12.54
CA HIS A 893 -25.67 6.76 11.21
C HIS A 893 -24.83 8.03 11.25
N LEU A 894 -24.18 8.36 10.13
CA LEU A 894 -23.64 9.70 9.94
C LEU A 894 -24.42 10.42 8.82
N ASP A 895 -24.87 11.65 9.11
CA ASP A 895 -25.76 12.37 8.22
C ASP A 895 -24.97 13.32 7.32
N ILE A 896 -25.00 13.09 6.00
CA ILE A 896 -24.21 13.85 5.04
C ILE A 896 -25.14 14.62 4.10
N THR A 897 -26.34 14.99 4.58
CA THR A 897 -27.41 15.46 3.72
C THR A 897 -27.19 16.92 3.30
N ASP A 898 -26.32 17.64 4.01
CA ASP A 898 -26.07 19.05 3.73
C ASP A 898 -25.13 19.22 2.54
N ASP A 899 -24.47 18.14 2.11
CA ASP A 899 -23.74 18.11 0.86
C ASP A 899 -24.66 18.06 -0.36
N TYR A 900 -25.96 17.80 -0.16
CA TYR A 900 -26.90 17.62 -1.26
C TYR A 900 -28.03 18.64 -1.12
N PRO A 901 -27.85 19.91 -1.55
CA PRO A 901 -28.86 20.95 -1.37
C PRO A 901 -30.25 20.62 -1.95
N ASN A 902 -31.28 20.74 -1.09
CA ASN A 902 -32.68 20.42 -1.38
C ASN A 902 -32.95 18.92 -1.53
N SER A 903 -32.11 18.04 -0.99
CA SER A 903 -32.44 16.63 -0.92
C SER A 903 -33.74 16.44 -0.15
N ARG A 904 -34.72 15.73 -0.71
CA ARG A 904 -36.01 15.54 -0.06
C ARG A 904 -35.85 14.60 1.13
N ASN A 905 -35.23 13.44 0.92
CA ASN A 905 -35.01 12.46 1.96
C ASN A 905 -33.64 12.75 2.59
N LYS A 906 -33.12 11.79 3.38
CA LYS A 906 -31.89 11.97 4.14
C LYS A 906 -30.80 11.13 3.48
N VAL A 907 -29.57 11.67 3.41
CA VAL A 907 -28.43 10.97 2.82
C VAL A 907 -27.46 10.62 3.95
N VAL A 908 -27.04 9.35 4.06
CA VAL A 908 -26.33 8.87 5.24
C VAL A 908 -25.17 7.94 4.89
N LYS A 909 -24.22 7.82 5.83
CA LYS A 909 -23.23 6.74 5.85
C LYS A 909 -23.40 5.88 7.11
N LEU A 910 -22.84 4.66 7.10
CA LEU A 910 -23.04 3.67 8.16
C LEU A 910 -21.72 3.06 8.64
N SER A 911 -21.75 2.39 9.81
CA SER A 911 -20.60 1.84 10.53
C SER A 911 -19.73 2.94 11.13
N LEU A 912 -20.22 3.56 12.22
CA LEU A 912 -19.43 4.47 13.01
C LEU A 912 -18.43 3.62 13.77
N LYS A 913 -17.14 3.83 13.50
CA LYS A 913 -16.09 2.95 13.97
C LYS A 913 -15.58 3.47 15.32
N PRO A 914 -15.46 2.63 16.37
CA PRO A 914 -15.20 3.13 17.73
C PRO A 914 -13.74 3.48 18.01
N TYR A 915 -13.54 4.51 18.83
CA TYR A 915 -12.22 4.86 19.34
C TYR A 915 -12.06 4.20 20.71
N ARG A 916 -12.99 4.45 21.63
CA ARG A 916 -12.98 3.85 22.96
C ARG A 916 -14.36 3.93 23.60
N PHE A 917 -14.56 3.32 24.78
CA PHE A 917 -15.73 3.60 25.60
C PHE A 917 -15.32 3.82 27.06
N ASP A 918 -15.92 4.85 27.68
CA ASP A 918 -15.64 5.35 29.02
C ASP A 918 -16.75 4.97 29.99
N VAL A 919 -16.46 4.08 30.96
CA VAL A 919 -17.43 3.58 31.92
C VAL A 919 -17.54 4.56 33.08
N TYR A 920 -18.78 4.73 33.59
CA TYR A 920 -19.13 5.60 34.70
C TYR A 920 -19.96 4.84 35.70
N LEU A 921 -19.77 5.12 36.99
CA LEU A 921 -20.61 4.50 38.01
C LEU A 921 -21.51 5.57 38.61
N ASP A 922 -22.83 5.40 38.42
CA ASP A 922 -23.81 6.45 38.65
C ASP A 922 -24.89 5.92 39.59
N ASN A 923 -24.83 6.34 40.87
CA ASN A 923 -25.78 5.92 41.88
C ASN A 923 -25.92 4.41 41.86
N GLY A 924 -24.79 3.70 41.83
CA GLY A 924 -24.78 2.24 41.87
C GLY A 924 -25.08 1.58 40.52
N VAL A 925 -25.26 2.36 39.44
CA VAL A 925 -25.55 1.81 38.13
C VAL A 925 -24.34 2.05 37.22
N TYR A 926 -23.81 0.95 36.63
CA TYR A 926 -22.76 1.08 35.62
C TYR A 926 -23.38 1.58 34.32
N LYS A 927 -22.69 2.53 33.68
CA LYS A 927 -23.11 3.12 32.42
C LYS A 927 -21.87 3.30 31.55
N PHE A 928 -22.03 3.51 30.25
CA PHE A 928 -20.88 3.85 29.42
C PHE A 928 -21.25 4.73 28.24
N VAL A 929 -20.26 5.49 27.79
CA VAL A 929 -20.31 6.32 26.61
C VAL A 929 -19.43 5.67 25.55
N LYS A 930 -19.88 5.59 24.31
CA LYS A 930 -19.00 5.34 23.17
C LYS A 930 -18.41 6.68 22.71
N VAL A 931 -17.08 6.75 22.55
CA VAL A 931 -16.42 7.85 21.85
C VAL A 931 -16.11 7.37 20.43
N ASN A 932 -16.69 8.02 19.41
CA ASN A 932 -16.45 7.60 18.04
C ASN A 932 -15.11 8.17 17.56
N ASN A 933 -14.50 7.59 16.51
CA ASN A 933 -13.36 8.23 15.88
C ASN A 933 -13.80 9.59 15.29
N LEU A 934 -15.05 9.70 14.83
CA LEU A 934 -15.59 10.98 14.40
C LEU A 934 -15.57 11.99 15.54
N ASP A 935 -15.58 11.55 16.80
CA ASP A 935 -15.60 12.48 17.92
C ASP A 935 -14.21 13.07 18.23
N VAL A 936 -13.16 12.67 17.49
CA VAL A 936 -11.78 13.04 17.79
C VAL A 936 -11.23 13.86 16.63
N ILE A 937 -10.59 15.01 16.92
CA ILE A 937 -10.31 16.02 15.90
C ILE A 937 -8.86 16.50 16.00
N LYS A 938 -8.15 16.51 14.85
CA LYS A 938 -6.76 16.93 14.81
C LYS A 938 -6.71 18.44 15.02
N LYS A 939 -5.78 18.89 15.90
CA LYS A 939 -5.43 20.29 16.03
C LYS A 939 -4.00 20.45 15.51
N GLU A 940 -3.17 21.27 16.17
CA GLU A 940 -1.89 21.68 15.61
C GLU A 940 -0.94 20.48 15.61
N ASN A 941 -0.65 19.92 16.80
CA ASN A 941 0.23 18.77 16.93
C ASN A 941 -0.40 17.68 17.80
N TYR A 942 -1.71 17.79 18.06
CA TYR A 942 -2.38 16.89 18.98
C TYR A 942 -3.80 16.64 18.49
N TYR A 943 -4.40 15.55 18.96
CA TYR A 943 -5.80 15.26 18.74
C TYR A 943 -6.58 15.70 19.96
N GLU A 944 -7.84 16.06 19.76
CA GLU A 944 -8.71 16.40 20.87
C GLU A 944 -10.03 15.64 20.75
N VAL A 945 -10.49 15.03 21.85
CA VAL A 945 -11.86 14.55 21.94
C VAL A 945 -12.77 15.78 22.00
N ASN A 946 -13.82 15.78 21.18
CA ASN A 946 -14.72 16.92 21.07
C ASN A 946 -15.62 17.01 22.31
N SER A 947 -15.64 18.18 22.96
CA SER A 947 -16.32 18.36 24.24
C SER A 947 -17.82 18.35 24.09
N LYS A 948 -18.35 19.00 23.03
CA LYS A 948 -19.79 19.09 22.80
C LYS A 948 -20.36 17.72 22.47
N CYS A 949 -19.72 16.98 21.57
CA CYS A 949 -20.13 15.62 21.22
C CYS A 949 -20.14 14.73 22.46
N TYR A 950 -19.20 14.97 23.39
CA TYR A 950 -19.01 14.12 24.55
C TYR A 950 -20.10 14.40 25.58
N GLU A 951 -20.42 15.68 25.85
CA GLU A 951 -21.46 16.00 26.82
C GLU A 951 -22.84 15.61 26.27
N GLU A 952 -23.04 15.75 24.95
CA GLU A 952 -24.26 15.27 24.31
C GLU A 952 -24.40 13.76 24.51
N ALA A 953 -23.30 13.02 24.34
CA ALA A 953 -23.33 11.57 24.44
C ALA A 953 -23.71 11.12 25.86
N LYS A 954 -23.15 11.77 26.89
CA LYS A 954 -23.49 11.49 28.28
C LYS A 954 -24.98 11.75 28.56
N LYS A 955 -25.56 12.77 27.90
CA LYS A 955 -26.96 13.12 28.13
C LYS A 955 -27.90 12.06 27.60
N LEU A 956 -27.62 11.50 26.41
CA LEU A 956 -28.42 10.41 25.85
C LEU A 956 -28.29 9.16 26.74
N LYS A 957 -27.17 9.02 27.45
CA LYS A 957 -26.96 7.92 28.36
C LYS A 957 -27.45 8.24 29.78
N LYS A 958 -27.89 9.49 30.03
CA LYS A 958 -28.47 9.89 31.30
C LYS A 958 -27.41 9.74 32.42
N ILE A 959 -26.16 10.11 32.13
CA ILE A 959 -25.09 10.01 33.11
C ILE A 959 -25.04 11.33 33.84
N SER A 960 -25.15 11.27 35.17
CA SER A 960 -25.30 12.45 36.02
C SER A 960 -23.99 13.25 36.09
N ASN A 961 -24.07 14.47 36.63
CA ASN A 961 -22.88 15.27 36.91
C ASN A 961 -22.20 14.80 38.19
N GLN A 962 -22.88 13.95 38.97
CA GLN A 962 -22.33 13.39 40.21
C GLN A 962 -21.97 11.91 40.02
N ALA A 963 -21.49 11.54 38.82
CA ALA A 963 -21.14 10.16 38.49
C ALA A 963 -19.63 10.03 38.40
N GLU A 964 -19.10 8.96 39.00
CA GLU A 964 -17.66 8.73 39.09
C GLU A 964 -17.20 8.03 37.81
N PHE A 965 -16.16 8.60 37.17
CA PHE A 965 -15.51 7.96 36.04
C PHE A 965 -14.71 6.77 36.56
N ILE A 966 -14.85 5.60 35.91
CA ILE A 966 -14.17 4.40 36.34
C ILE A 966 -12.94 4.20 35.46
N ALA A 967 -13.12 4.17 34.13
CA ALA A 967 -12.04 3.77 33.23
C ALA A 967 -12.40 4.08 31.78
N SER A 968 -11.37 4.02 30.90
CA SER A 968 -11.55 4.04 29.46
C SER A 968 -11.02 2.74 28.86
N PHE A 969 -11.78 2.14 27.94
CA PHE A 969 -11.42 0.86 27.35
C PHE A 969 -11.17 1.03 25.85
N TYR A 970 -9.92 0.78 25.43
CA TYR A 970 -9.51 0.76 24.03
C TYR A 970 -9.62 -0.66 23.51
N ARG A 971 -9.38 -0.84 22.21
CA ARG A 971 -9.42 -2.15 21.58
C ARG A 971 -8.33 -3.02 22.20
N ASN A 972 -8.71 -4.23 22.64
CA ASN A 972 -7.84 -5.19 23.31
C ASN A 972 -7.53 -4.81 24.76
N ASP A 973 -8.00 -3.66 25.27
CA ASP A 973 -7.91 -3.43 26.70
C ASP A 973 -8.59 -4.59 27.44
N LEU A 974 -8.14 -4.87 28.66
CA LEU A 974 -8.64 -5.98 29.43
C LEU A 974 -9.70 -5.52 30.42
N ILE A 975 -10.80 -6.27 30.52
CA ILE A 975 -11.96 -5.86 31.33
C ILE A 975 -12.45 -7.04 32.13
N LYS A 976 -12.71 -6.82 33.42
CA LYS A 976 -13.25 -7.84 34.30
C LYS A 976 -14.70 -7.47 34.62
N ILE A 977 -15.65 -8.23 34.03
CA ILE A 977 -17.07 -7.97 34.17
C ILE A 977 -17.65 -9.07 35.06
N ASN A 978 -18.23 -8.67 36.21
CA ASN A 978 -18.76 -9.60 37.19
C ASN A 978 -17.74 -10.71 37.46
N GLY A 979 -16.48 -10.32 37.69
CA GLY A 979 -15.43 -11.24 38.09
C GLY A 979 -14.87 -12.10 36.96
N GLU A 980 -15.20 -11.83 35.68
CA GLU A 980 -14.70 -12.61 34.56
C GLU A 980 -13.90 -11.73 33.61
N LEU A 981 -12.64 -12.10 33.34
CA LEU A 981 -11.73 -11.28 32.56
C LEU A 981 -11.89 -11.58 31.06
N TYR A 982 -11.92 -10.52 30.25
CA TYR A 982 -12.01 -10.65 28.80
C TYR A 982 -11.15 -9.56 28.18
N ARG A 983 -10.99 -9.60 26.85
CA ARG A 983 -10.45 -8.45 26.14
C ARG A 983 -11.55 -7.78 25.30
N VAL A 984 -11.49 -6.46 25.24
CA VAL A 984 -12.49 -5.64 24.58
C VAL A 984 -12.32 -5.70 23.08
N ILE A 985 -13.42 -5.86 22.33
CA ILE A 985 -13.42 -5.68 20.89
C ILE A 985 -14.04 -4.33 20.56
N GLY A 986 -15.24 -4.08 21.10
CA GLY A 986 -15.93 -2.85 20.77
C GLY A 986 -17.30 -2.78 21.43
N VAL A 987 -18.07 -1.81 20.97
CA VAL A 987 -19.42 -1.53 21.44
C VAL A 987 -20.35 -2.12 20.38
N ALA A 988 -20.99 -3.25 20.71
CA ALA A 988 -21.91 -3.88 19.78
C ALA A 988 -23.06 -2.92 19.50
N SER A 989 -23.69 -2.40 20.57
CA SER A 989 -24.78 -1.47 20.44
C SER A 989 -24.68 -0.42 21.55
N ASP A 990 -24.38 0.82 21.13
CA ASP A 990 -24.37 1.97 22.02
C ASP A 990 -25.74 2.04 22.70
N LEU A 991 -26.80 1.96 21.89
CA LEU A 991 -28.17 2.18 22.34
C LEU A 991 -28.62 1.17 23.39
N LEU A 992 -28.31 -0.13 23.16
CA LEU A 992 -28.73 -1.20 24.06
C LEU A 992 -27.71 -1.41 25.19
N ASN A 993 -26.52 -0.79 25.08
CA ASN A 993 -25.47 -0.84 26.10
C ASN A 993 -24.82 -2.22 26.10
N ALA A 994 -24.39 -2.68 24.92
CA ALA A 994 -23.72 -3.96 24.77
C ALA A 994 -22.30 -3.72 24.28
N ILE A 995 -21.37 -4.57 24.76
CA ILE A 995 -19.98 -4.50 24.35
C ILE A 995 -19.55 -5.90 23.90
N GLU A 996 -18.89 -5.97 22.74
CA GLU A 996 -18.32 -7.21 22.24
C GLU A 996 -16.97 -7.44 22.87
N VAL A 997 -16.76 -8.63 23.42
CA VAL A 997 -15.51 -8.98 24.06
C VAL A 997 -14.98 -10.25 23.40
N ASN A 998 -13.77 -10.66 23.80
CA ASN A 998 -13.24 -11.95 23.40
C ASN A 998 -12.54 -12.57 24.60
N MET A 999 -12.23 -13.87 24.47
CA MET A 999 -11.48 -14.58 25.50
C MET A 999 -9.99 -14.27 25.31
N ILE A 1000 -9.17 -14.63 26.32
CA ILE A 1000 -7.79 -14.16 26.42
C ILE A 1000 -6.81 -15.22 25.93
N ASP A 1001 -6.99 -16.47 26.41
CA ASP A 1001 -6.06 -17.57 26.16
C ASP A 1001 -6.37 -18.28 24.85
N ILE A 1002 -7.58 -18.06 24.31
CA ILE A 1002 -8.08 -18.73 23.12
C ILE A 1002 -9.13 -17.80 22.50
N THR A 1003 -9.34 -17.88 21.18
CA THR A 1003 -10.48 -17.22 20.56
C THR A 1003 -11.74 -18.01 20.89
N TYR A 1004 -12.85 -17.30 21.15
CA TYR A 1004 -14.11 -17.92 21.54
C TYR A 1004 -14.62 -18.88 20.46
N ARG A 1005 -14.38 -18.54 19.18
CA ARG A 1005 -14.63 -19.44 18.06
C ARG A 1005 -14.05 -20.82 18.36
N GLU A 1006 -12.75 -20.88 18.68
CA GLU A 1006 -12.05 -22.14 18.86
C GLU A 1006 -12.49 -22.83 20.15
N TYR A 1007 -12.80 -22.05 21.19
CA TYR A 1007 -13.34 -22.59 22.43
C TYR A 1007 -14.62 -23.38 22.17
N LEU A 1008 -15.47 -22.88 21.26
CA LEU A 1008 -16.71 -23.55 20.90
C LEU A 1008 -16.43 -24.76 19.99
N GLU A 1009 -15.45 -24.66 19.08
CA GLU A 1009 -15.12 -25.77 18.20
C GLU A 1009 -14.62 -26.98 18.99
N ASN A 1010 -13.68 -26.77 19.93
CA ASN A 1010 -13.11 -27.89 20.70
C ASN A 1010 -14.19 -28.54 21.57
N MET A 1011 -15.20 -27.76 21.97
CA MET A 1011 -16.34 -28.26 22.72
C MET A 1011 -17.30 -29.04 21.81
N ASN A 1012 -17.23 -28.79 20.49
CA ASN A 1012 -18.30 -29.10 19.55
C ASN A 1012 -19.61 -28.51 20.08
N ASP A 1013 -19.65 -27.17 20.11
CA ASP A 1013 -20.86 -26.40 20.34
C ASP A 1013 -21.16 -25.61 19.07
N LYS A 1014 -22.45 -25.38 18.80
CA LYS A 1014 -22.91 -24.72 17.58
C LYS A 1014 -23.75 -23.50 17.96
N ARG A 1015 -23.18 -22.65 18.83
CA ARG A 1015 -23.71 -21.32 19.10
C ARG A 1015 -23.14 -20.36 18.05
N PRO A 1016 -23.55 -19.07 18.00
CA PRO A 1016 -22.74 -18.06 17.32
C PRO A 1016 -21.39 -17.87 18.00
N PRO A 1017 -20.26 -17.70 17.26
CA PRO A 1017 -18.96 -17.54 17.90
C PRO A 1017 -18.62 -16.09 18.27
N ARG A 1018 -19.53 -15.40 18.98
CA ARG A 1018 -19.29 -14.05 19.44
C ARG A 1018 -19.88 -13.87 20.83
N ILE A 1019 -19.13 -13.17 21.70
CA ILE A 1019 -19.56 -12.83 23.05
C ILE A 1019 -20.01 -11.37 23.07
N PHE A 1020 -21.20 -11.14 23.64
CA PHE A 1020 -21.76 -9.81 23.86
C PHE A 1020 -22.13 -9.73 25.33
N LYS A 1021 -21.84 -8.58 25.94
CA LYS A 1021 -22.04 -8.38 27.36
C LYS A 1021 -22.81 -7.07 27.54
N THR A 1022 -23.92 -7.13 28.26
CA THR A 1022 -24.76 -5.96 28.47
C THR A 1022 -24.31 -5.31 29.78
N ILE A 1023 -24.17 -3.98 29.77
CA ILE A 1023 -23.79 -3.24 30.96
C ILE A 1023 -25.04 -2.52 31.46
N SER A 1024 -25.47 -2.82 32.70
CA SER A 1024 -26.83 -2.55 33.13
C SER A 1024 -26.88 -2.36 34.65
N SER A 1025 -28.10 -2.13 35.18
CA SER A 1025 -28.34 -2.13 36.61
C SER A 1025 -28.01 -3.49 37.24
N LYS A 1026 -28.04 -4.56 36.43
CA LYS A 1026 -27.69 -5.90 36.91
C LYS A 1026 -26.19 -6.07 37.12
N THR A 1027 -25.35 -5.29 36.41
CA THR A 1027 -23.90 -5.44 36.45
C THR A 1027 -23.38 -4.95 37.81
N GLN A 1028 -22.45 -5.73 38.39
CA GLN A 1028 -22.12 -5.67 39.80
C GLN A 1028 -20.74 -5.06 40.01
N SER A 1029 -19.76 -5.39 39.16
CA SER A 1029 -18.46 -4.73 39.17
C SER A 1029 -17.86 -4.68 37.77
N ILE A 1030 -17.25 -3.53 37.42
CA ILE A 1030 -16.37 -3.41 36.26
C ILE A 1030 -15.02 -2.91 36.74
N LYS A 1031 -13.96 -3.66 36.41
CA LYS A 1031 -12.60 -3.29 36.72
C LYS A 1031 -11.75 -3.39 35.45
N LYS A 1032 -10.79 -2.47 35.31
CA LYS A 1032 -9.83 -2.52 34.21
C LYS A 1032 -8.58 -3.25 34.70
N TYR A 1033 -8.04 -4.12 33.85
CA TYR A 1033 -6.74 -4.72 34.08
C TYR A 1033 -5.80 -4.32 32.94
N SER A 1034 -4.49 -4.58 33.13
CA SER A 1034 -3.47 -4.32 32.12
C SER A 1034 -2.33 -5.33 32.23
N THR A 1035 -1.68 -5.67 31.11
CA THR A 1035 -0.50 -6.54 31.16
C THR A 1035 0.69 -5.76 30.65
N ASP A 1036 1.89 -6.04 31.19
CA ASP A 1036 3.13 -5.64 30.56
C ASP A 1036 3.36 -6.46 29.30
N ILE A 1037 4.46 -6.20 28.56
CA ILE A 1037 4.72 -6.92 27.32
C ILE A 1037 4.87 -8.41 27.58
N LEU A 1038 5.32 -8.79 28.77
CA LEU A 1038 5.55 -10.19 29.05
C LEU A 1038 4.25 -10.92 29.40
N GLY A 1039 3.21 -10.18 29.82
CA GLY A 1039 1.92 -10.76 30.12
C GLY A 1039 1.65 -10.84 31.63
N ASN A 1040 2.55 -10.33 32.47
CA ASN A 1040 2.25 -10.05 33.86
C ASN A 1040 1.05 -9.11 33.97
N LEU A 1041 0.05 -9.52 34.76
CA LEU A 1041 -1.27 -8.92 34.80
C LEU A 1041 -1.39 -8.03 36.03
N TYR A 1042 -2.03 -6.87 35.89
CA TYR A 1042 -2.14 -5.89 36.96
C TYR A 1042 -3.52 -5.27 36.93
N GLU A 1043 -4.16 -5.18 38.11
CA GLU A 1043 -5.32 -4.33 38.30
C GLU A 1043 -4.82 -2.90 38.33
N VAL A 1044 -5.31 -2.05 37.42
CA VAL A 1044 -4.68 -0.77 37.19
C VAL A 1044 -5.59 0.37 37.64
N LYS A 1045 -4.94 1.50 37.96
CA LYS A 1045 -5.60 2.71 38.41
C LYS A 1045 -5.87 3.59 37.21
N SER A 1046 -6.82 4.52 37.35
CA SER A 1046 -7.20 5.43 36.29
C SER A 1046 -7.09 6.85 36.80
N LYS A 1047 -7.07 7.82 35.89
CA LYS A 1047 -7.07 9.22 36.26
C LYS A 1047 -8.47 9.58 36.74
N LYS A 1048 -8.65 10.81 37.24
CA LYS A 1048 -9.91 11.26 37.82
C LYS A 1048 -10.89 11.60 36.69
N HIS A 1049 -10.38 12.03 35.53
CA HIS A 1049 -11.22 12.42 34.42
C HIS A 1049 -10.82 11.64 33.17
N PRO A 1050 -11.68 11.54 32.12
CA PRO A 1050 -11.25 11.04 30.83
C PRO A 1050 -10.17 11.89 30.17
N GLN A 1051 -9.43 11.28 29.25
CA GLN A 1051 -8.43 11.98 28.47
C GLN A 1051 -9.16 12.79 27.40
N ILE A 1052 -8.67 14.00 27.12
CA ILE A 1052 -9.19 14.85 26.05
C ILE A 1052 -8.09 15.07 25.02
N ILE A 1053 -6.87 15.42 25.46
CA ILE A 1053 -5.73 15.65 24.59
C ILE A 1053 -5.02 14.33 24.34
N LYS A 1054 -4.48 14.15 23.13
CA LYS A 1054 -3.67 13.00 22.80
C LYS A 1054 -2.56 13.48 21.87
N LYS A 1055 -1.34 13.56 22.41
CA LYS A 1055 -0.22 14.14 21.69
C LYS A 1055 0.34 13.13 20.71
N GLY A 1056 0.39 11.84 21.12
CA GLY A 1056 0.68 10.74 20.23
C GLY A 1056 -0.52 10.37 19.36
#